data_3WPI
#
_entry.id   3WPI
#
_cell.length_a   137.330
_cell.length_b   129.720
_cell.length_c   71.360
_cell.angle_alpha   90.00
_cell.angle_beta   92.17
_cell.angle_gamma   90.00
#
_symmetry.space_group_name_H-M   'C 1 2 1'
#
loop_
_entity.id
_entity.type
_entity.pdbx_description
1 polymer 'Toll-like receptor 9'
2 polymer "DNA (5'-D(*CP*CP*TP*CP*AP*AP*TP*AP*GP*GP*GP*TP*GP*AP*GP*GP*GP*G)-3')"
3 non-polymer 2-acetamido-2-deoxy-beta-D-glucopyranose
4 water water
#
loop_
_entity_poly.entity_id
_entity_poly.type
_entity_poly.pdbx_seq_one_letter_code
_entity_poly.pdbx_strand_id
1 'polypeptide(L)'
;RSPWLGTLPAFLPCELKPHGLVDCNWLFLKSVPRFSAAASCSNITRLSLISNRIHHLHNSDFVHLSNLRQLNLKWNCPPT
GLSPLHFSCHMTIEPRTFLAMRTLEELNLSYNGITTVPRLPSSLVNLSLSHTNILVLDANSLAGLYSLRVLFMDGNCYYK
NPCTGAVKVTPGALLGLSQLTHLSLKYNNLTKVPRQLPPSLEYLLVSYNLIVKLGPEDLAQLTSLRVLDVGGNCRRCDHA
PNPCIECGQKSLHLHPETFHHLSHLEGLVLKDSSLHTLNSSWFQGLVQLSVLDLSENFLYESITHTNAFQNLTRLRKLNL
SFNYRKKVSFARLHLASSFKNLVSLQELNMNGIFFRLLNKYTLRWLADLPKLHTLHLQMNFINQAQLSIFGTFRALRFVD
LSDNRISGPSTLSEATPEEADDAEQEELLSADPHPAPLSTPASKNFMDRCKNFKFTMDLSRNNLVTIKPEMFVQLSRLQC
LSLSHNSIAQAVNGSQFLPLTNLQVLDLSHNKLDLYHWKSFSELPQLQALDLSYNSQPFSMKGIGHQFSFVTHLSMLQSL
SLAHNDIHTRVSSHLNSNSVRFLDFSGNGMGRMWDEGGLYLHFFQGLSGLLKLDLSQNNLHILRPQNLDNLPKSLKLLSL
RDNYLSFFNWTSLSFLPNLEVLDLAGNQLKALTQGTLPNGTLLQKLDVSSNSIVSVVPAFFALAVELKEVNLSHNILKTV
DRSWFGPIVMQLTVLDVRSNPLHCACGAAFVDLLLEVQTKVPGLANGVKCGSPGQLQGRSIFAQDLRLCLDEVLSWDEFL
VPR
;
A
2 'polydeoxyribonucleotide' (DC)(DC)(DT)(DC)(DA)(DA)(DT)(DA)(DG)(DG)(DG)(DT)(DG)(DA)(DG)(DG)(DG)(DG) B
#
loop_
_chem_comp.id
_chem_comp.type
_chem_comp.name
_chem_comp.formula
DA DNA linking 2'-DEOXYADENOSINE-5'-MONOPHOSPHATE 'C10 H14 N5 O6 P'
DC DNA linking 2'-DEOXYCYTIDINE-5'-MONOPHOSPHATE 'C9 H14 N3 O7 P'
DG DNA linking 2'-DEOXYGUANOSINE-5'-MONOPHOSPHATE 'C10 H14 N5 O7 P'
DT DNA linking THYMIDINE-5'-MONOPHOSPHATE 'C10 H15 N2 O8 P'
NAG D-saccharide, beta linking 2-acetamido-2-deoxy-beta-D-glucopyranose 'C8 H15 N O6'
#
# COMPACT_ATOMS: atom_id res chain seq x y z
N THR A 7 7.35 36.32 -4.00
CA THR A 7 6.80 36.06 -5.32
C THR A 7 7.27 34.70 -5.82
N LEU A 8 8.58 34.53 -5.93
CA LEU A 8 9.14 33.18 -6.02
C LEU A 8 8.70 32.48 -4.75
N PRO A 9 8.42 31.17 -4.84
CA PRO A 9 8.11 30.42 -3.61
C PRO A 9 9.24 30.62 -2.60
N ALA A 10 8.88 30.68 -1.32
CA ALA A 10 9.82 31.15 -0.30
C ALA A 10 11.01 30.24 -0.04
N PHE A 11 10.82 28.93 -0.16
CA PHE A 11 11.80 27.98 0.33
C PHE A 11 12.46 27.11 -0.74
N LEU A 12 12.87 27.73 -1.84
CA LEU A 12 13.69 27.05 -2.84
C LEU A 12 14.96 26.51 -2.17
N PRO A 13 15.38 25.30 -2.56
CA PRO A 13 14.76 24.50 -3.61
C PRO A 13 13.76 23.50 -3.04
N CYS A 14 13.14 23.83 -1.91
CA CYS A 14 12.24 22.90 -1.23
C CYS A 14 10.78 23.33 -1.37
N GLU A 15 9.86 22.44 -1.05
CA GLU A 15 8.43 22.73 -1.14
C GLU A 15 7.85 23.12 0.23
N LEU A 16 7.16 24.26 0.29
CA LEU A 16 6.38 24.57 1.50
C LEU A 16 5.09 23.78 1.47
N LYS A 17 4.82 23.08 2.56
CA LYS A 17 3.58 22.34 2.74
C LYS A 17 2.87 22.96 3.95
N PRO A 18 1.53 22.82 4.04
CA PRO A 18 0.70 23.65 4.93
C PRO A 18 1.18 23.81 6.38
N HIS A 19 1.09 22.73 7.16
CA HIS A 19 1.25 22.77 8.61
C HIS A 19 2.60 23.25 9.18
N GLY A 20 3.32 24.07 8.42
CA GLY A 20 4.63 24.52 8.86
C GLY A 20 5.71 23.57 8.40
N LEU A 21 5.36 22.68 7.48
CA LEU A 21 6.29 21.70 6.94
C LEU A 21 7.03 22.22 5.71
N VAL A 22 8.35 22.19 5.78
CA VAL A 22 9.19 22.43 4.61
C VAL A 22 9.76 21.09 4.14
N ASP A 23 9.32 20.64 2.97
CA ASP A 23 9.76 19.37 2.39
C ASP A 23 10.99 19.60 1.52
N CYS A 24 12.13 19.05 1.94
CA CYS A 24 13.37 19.15 1.16
C CYS A 24 13.87 17.77 0.80
N ASN A 25 12.95 16.81 0.70
CA ASN A 25 13.31 15.42 0.48
C ASN A 25 13.85 15.15 -0.93
N TRP A 26 14.83 14.24 -1.02
CA TRP A 26 15.34 13.77 -2.30
C TRP A 26 15.81 14.86 -3.26
N LEU A 27 16.59 15.82 -2.76
CA LEU A 27 17.01 16.97 -3.57
C LEU A 27 18.53 17.02 -3.80
N PHE A 28 19.22 15.94 -3.43
CA PHE A 28 20.68 15.85 -3.58
C PHE A 28 21.42 16.94 -2.81
N LEU A 29 20.79 17.50 -1.79
CA LEU A 29 21.43 18.54 -0.98
C LEU A 29 22.62 17.97 -0.21
N LYS A 30 23.70 18.75 -0.14
CA LYS A 30 24.91 18.34 0.58
C LYS A 30 25.07 19.16 1.86
N SER A 31 24.30 20.24 1.96
CA SER A 31 24.32 21.06 3.16
C SER A 31 22.87 21.40 3.53
N VAL A 32 22.65 21.81 4.78
CA VAL A 32 21.32 22.25 5.20
C VAL A 32 21.01 23.59 4.54
N PRO A 33 19.88 23.65 3.81
CA PRO A 33 19.50 24.87 3.08
C PRO A 33 19.24 26.06 4.00
N ARG A 34 19.52 27.26 3.51
CA ARG A 34 19.44 28.47 4.32
C ARG A 34 18.22 29.31 3.98
N PHE A 35 17.70 29.08 2.78
CA PHE A 35 16.54 29.81 2.27
C PHE A 35 16.79 31.32 2.10
N SER A 40 11.01 35.08 6.05
CA SER A 40 11.59 34.60 7.30
C SER A 40 11.46 33.09 7.48
N CYS A 41 12.37 32.52 8.26
CA CYS A 41 12.33 31.11 8.58
C CYS A 41 11.81 30.91 10.00
N SER A 42 11.41 32.01 10.65
CA SER A 42 10.98 31.97 12.04
C SER A 42 9.65 31.24 12.25
N ASN A 43 8.98 30.89 11.16
CA ASN A 43 7.67 30.21 11.26
C ASN A 43 7.69 28.75 10.81
N ILE A 44 8.81 28.27 10.30
CA ILE A 44 8.92 26.86 9.95
C ILE A 44 9.21 26.02 11.19
N THR A 45 8.39 24.99 11.40
CA THR A 45 8.43 24.19 12.61
C THR A 45 8.81 22.75 12.28
N ARG A 46 8.66 22.41 11.01
CA ARG A 46 8.99 21.06 10.54
C ARG A 46 9.84 21.10 9.28
N LEU A 47 10.92 20.34 9.30
CA LEU A 47 11.82 20.26 8.16
C LEU A 47 12.19 18.81 7.88
N SER A 48 11.90 18.37 6.67
CA SER A 48 12.21 17.02 6.24
C SER A 48 13.36 17.09 5.24
N LEU A 49 14.41 16.32 5.48
CA LEU A 49 15.57 16.33 4.61
C LEU A 49 15.95 14.90 4.26
N ILE A 50 14.93 14.06 4.15
CA ILE A 50 15.09 12.63 3.89
C ILE A 50 15.86 12.35 2.61
N SER A 51 16.89 11.52 2.74
CA SER A 51 17.60 10.95 1.59
C SER A 51 18.29 11.97 0.70
N ASN A 52 18.89 12.98 1.31
CA ASN A 52 19.80 13.86 0.59
C ASN A 52 21.23 13.33 0.69
N ARG A 53 22.21 14.20 0.49
CA ARG A 53 23.61 13.80 0.50
C ARG A 53 24.41 14.50 1.60
N ILE A 54 23.73 14.91 2.67
CA ILE A 54 24.39 15.65 3.74
C ILE A 54 25.27 14.75 4.61
N HIS A 55 26.57 15.00 4.59
CA HIS A 55 27.52 14.12 5.28
C HIS A 55 28.19 14.79 6.48
N HIS A 56 27.99 16.10 6.60
CA HIS A 56 28.62 16.85 7.69
C HIS A 56 27.65 17.87 8.24
N LEU A 57 27.60 17.98 9.57
CA LEU A 57 26.66 18.90 10.20
C LEU A 57 27.41 19.80 11.16
N HIS A 58 27.05 21.07 11.18
CA HIS A 58 27.87 22.06 11.87
C HIS A 58 27.08 22.91 12.84
N ASN A 59 27.80 23.44 13.84
CA ASN A 59 27.23 24.27 14.90
C ASN A 59 26.22 25.32 14.43
N SER A 60 26.45 25.86 13.24
CA SER A 60 25.66 26.96 12.70
C SER A 60 24.63 26.53 11.65
N ASP A 61 24.57 25.24 11.36
CA ASP A 61 23.71 24.74 10.28
C ASP A 61 22.20 24.88 10.53
N PHE A 62 21.80 25.00 11.79
CA PHE A 62 20.38 25.11 12.13
C PHE A 62 20.04 26.40 12.89
N VAL A 63 20.98 27.34 12.90
CA VAL A 63 20.80 28.61 13.62
C VAL A 63 19.61 29.42 13.09
N HIS A 64 19.34 29.28 11.80
CA HIS A 64 18.22 29.99 11.18
C HIS A 64 16.88 29.29 11.38
N LEU A 65 16.93 28.07 11.90
CA LEU A 65 15.72 27.28 12.14
C LEU A 65 15.54 27.02 13.64
N SER A 66 15.70 28.07 14.44
CA SER A 66 15.68 27.97 15.90
C SER A 66 14.37 27.40 16.48
N ASN A 67 13.30 27.43 15.70
CA ASN A 67 12.00 27.02 16.20
C ASN A 67 11.55 25.64 15.71
N LEU A 68 12.46 24.93 15.05
CA LEU A 68 12.18 23.56 14.59
C LEU A 68 11.67 22.69 15.74
N ARG A 69 10.62 21.92 15.46
CA ARG A 69 10.06 20.98 16.43
C ARG A 69 10.30 19.58 15.91
N GLN A 70 10.32 19.47 14.59
CA GLN A 70 10.48 18.19 13.94
C GLN A 70 11.54 18.29 12.86
N LEU A 71 12.44 17.31 12.84
CA LEU A 71 13.54 17.31 11.89
C LEU A 71 13.86 15.90 11.44
N ASN A 72 13.82 15.67 10.13
CA ASN A 72 14.11 14.36 9.58
C ASN A 72 15.36 14.38 8.70
N LEU A 73 16.39 13.66 9.14
CA LEU A 73 17.67 13.61 8.43
C LEU A 73 17.99 12.19 7.99
N LYS A 74 16.95 11.35 7.97
CA LYS A 74 17.07 9.95 7.55
C LYS A 74 17.75 9.80 6.18
N TRP A 75 18.65 8.83 6.08
CA TRP A 75 19.25 8.41 4.80
C TRP A 75 20.22 9.41 4.15
N ASN A 76 20.86 10.27 4.95
CA ASN A 76 21.80 11.24 4.38
C ASN A 76 23.21 10.69 4.19
N CYS A 77 23.61 9.78 5.06
CA CYS A 77 24.96 9.25 5.05
C CYS A 77 24.94 7.77 5.43
N PRO A 78 24.42 6.93 4.54
CA PRO A 78 24.20 5.52 4.87
C PRO A 78 25.48 4.76 5.15
N PRO A 79 25.48 3.92 6.19
CA PRO A 79 26.48 2.85 6.26
C PRO A 79 26.13 1.86 5.14
N THR A 80 26.88 0.76 4.98
CA THR A 80 26.68 -0.12 3.83
C THR A 80 25.77 -1.32 4.07
N GLY A 81 24.54 -1.27 3.56
CA GLY A 81 24.00 -0.06 2.97
C GLY A 81 23.55 -0.04 1.51
N LEU A 82 24.48 0.25 0.61
CA LEU A 82 24.14 0.50 -0.79
C LEU A 82 25.14 -0.07 -1.80
N SER A 83 26.39 0.36 -1.71
CA SER A 83 27.45 -0.11 -2.59
C SER A 83 28.82 0.38 -2.11
N SER A 88 30.38 3.54 1.28
CA SER A 88 30.32 3.62 2.74
C SER A 88 30.50 5.06 3.21
N CYS A 89 29.68 5.48 4.16
CA CYS A 89 29.62 6.87 4.57
C CYS A 89 29.80 7.06 6.07
N HIS A 90 30.58 8.07 6.46
CA HIS A 90 30.66 8.47 7.86
C HIS A 90 30.24 9.92 8.04
N MET A 91 29.25 10.15 8.88
CA MET A 91 28.73 11.49 9.12
C MET A 91 29.46 12.14 10.30
N THR A 92 29.84 13.41 10.15
CA THR A 92 30.41 14.16 11.26
C THR A 92 29.39 15.17 11.75
N ILE A 93 29.34 15.35 13.07
CA ILE A 93 28.41 16.29 13.67
C ILE A 93 29.12 17.10 14.74
N GLU A 94 29.08 18.42 14.62
CA GLU A 94 29.71 19.30 15.59
C GLU A 94 28.87 19.38 16.86
N PRO A 95 29.53 19.55 18.01
CA PRO A 95 28.94 19.54 19.36
C PRO A 95 27.63 20.30 19.51
N ARG A 96 27.59 21.54 19.02
CA ARG A 96 26.44 22.41 19.27
C ARG A 96 25.39 22.37 18.16
N THR A 97 25.56 21.46 17.19
CA THR A 97 24.70 21.38 16.01
C THR A 97 23.20 21.47 16.33
N PHE A 98 22.70 20.55 17.16
CA PHE A 98 21.28 20.48 17.45
C PHE A 98 20.85 21.34 18.65
N LEU A 99 21.81 21.85 19.39
CA LEU A 99 21.52 22.65 20.58
C LEU A 99 20.88 24.00 20.23
N ALA A 100 21.06 24.45 18.99
CA ALA A 100 20.44 25.67 18.52
C ALA A 100 18.92 25.56 18.45
N MET A 101 18.40 24.33 18.44
CA MET A 101 16.97 24.10 18.40
C MET A 101 16.45 23.64 19.77
N ARG A 102 16.14 24.60 20.63
CA ARG A 102 15.82 24.31 22.03
C ARG A 102 14.33 24.02 22.30
N THR A 103 13.55 23.83 21.24
CA THR A 103 12.20 23.32 21.38
C THR A 103 12.02 22.13 20.44
N LEU A 104 13.13 21.62 19.95
CA LEU A 104 13.11 20.44 19.07
C LEU A 104 12.51 19.24 19.79
N GLU A 105 11.48 18.65 19.20
CA GLU A 105 10.75 17.57 19.85
C GLU A 105 11.00 16.22 19.20
N GLU A 106 11.23 16.23 17.89
CA GLU A 106 11.33 14.99 17.13
C GLU A 106 12.54 15.03 16.20
N LEU A 107 13.29 13.93 16.16
CA LEU A 107 14.52 13.90 15.38
C LEU A 107 14.80 12.50 14.86
N ASN A 108 14.99 12.39 13.55
CA ASN A 108 15.27 11.11 12.91
C ASN A 108 16.66 11.13 12.31
N LEU A 109 17.57 10.36 12.90
CA LEU A 109 18.96 10.31 12.46
C LEU A 109 19.28 8.95 11.85
N SER A 110 18.23 8.18 11.55
CA SER A 110 18.40 6.82 11.05
C SER A 110 19.07 6.76 9.69
N TYR A 111 19.73 5.64 9.43
CA TYR A 111 20.44 5.43 8.17
C TYR A 111 21.53 6.49 7.93
N ASN A 112 22.27 6.80 9.00
CA ASN A 112 23.41 7.70 8.94
C ASN A 112 24.62 7.10 9.65
N GLY A 113 25.79 7.27 9.06
CA GLY A 113 27.01 6.69 9.62
C GLY A 113 27.59 7.46 10.79
N ILE A 114 26.81 7.57 11.87
CA ILE A 114 27.32 8.14 13.12
C ILE A 114 27.70 7.01 14.09
N THR A 115 28.71 7.27 14.91
CA THR A 115 29.24 6.26 15.83
C THR A 115 28.91 6.62 17.28
N THR A 116 28.62 7.90 17.50
CA THR A 116 28.17 8.38 18.80
C THR A 116 26.93 9.24 18.61
N VAL A 117 26.04 9.26 19.60
CA VAL A 117 24.87 10.11 19.53
C VAL A 117 25.25 11.56 19.86
N PRO A 118 24.82 12.50 19.01
CA PRO A 118 25.15 13.93 19.14
C PRO A 118 24.57 14.53 20.40
N ARG A 119 25.01 15.74 20.77
CA ARG A 119 24.39 16.43 21.89
C ARG A 119 23.01 16.94 21.47
N LEU A 120 22.03 16.73 22.34
CA LEU A 120 20.65 17.03 22.01
C LEU A 120 20.00 17.94 23.06
N PRO A 121 19.05 18.79 22.63
CA PRO A 121 18.31 19.63 23.58
C PRO A 121 17.38 18.78 24.44
N SER A 122 17.05 19.25 25.63
CA SER A 122 16.25 18.48 26.58
C SER A 122 14.77 18.48 26.23
N SER A 123 14.41 19.27 25.23
CA SER A 123 13.03 19.35 24.78
C SER A 123 12.64 18.07 24.04
N LEU A 124 13.64 17.34 23.57
CA LEU A 124 13.41 16.19 22.69
C LEU A 124 12.46 15.15 23.29
N VAL A 125 11.61 14.60 22.43
CA VAL A 125 10.53 13.70 22.82
C VAL A 125 10.60 12.40 22.01
N ASN A 126 10.89 12.53 20.72
CA ASN A 126 11.03 11.37 19.85
C ASN A 126 12.40 11.33 19.18
N LEU A 127 13.08 10.19 19.28
CA LEU A 127 14.41 10.07 18.69
C LEU A 127 14.58 8.74 17.96
N SER A 128 15.13 8.79 16.76
CA SER A 128 15.49 7.58 16.03
C SER A 128 16.98 7.55 15.71
N LEU A 129 17.64 6.49 16.14
CA LEU A 129 19.06 6.31 15.92
C LEU A 129 19.25 4.96 15.23
N SER A 130 18.16 4.45 14.67
CA SER A 130 18.16 3.16 13.99
C SER A 130 19.12 3.16 12.80
N HIS A 131 19.67 1.99 12.49
CA HIS A 131 20.54 1.82 11.32
C HIS A 131 21.67 2.85 11.24
N THR A 132 22.29 3.12 12.38
CA THR A 132 23.50 3.91 12.44
C THR A 132 24.62 3.00 12.89
N ASN A 133 25.75 3.58 13.26
CA ASN A 133 26.88 2.79 13.75
C ASN A 133 27.16 3.06 15.23
N ILE A 134 26.13 3.52 15.93
CA ILE A 134 26.21 3.68 17.38
C ILE A 134 26.15 2.30 18.03
N LEU A 135 27.28 1.87 18.59
CA LEU A 135 27.41 0.52 19.14
C LEU A 135 27.41 0.52 20.65
N VAL A 136 27.37 1.72 21.25
CA VAL A 136 27.31 1.83 22.69
C VAL A 136 26.34 2.92 23.14
N LEU A 137 25.42 2.52 24.02
CA LEU A 137 24.53 3.47 24.68
C LEU A 137 24.82 3.44 26.17
N ASP A 138 25.45 4.49 26.69
CA ASP A 138 25.60 4.65 28.12
C ASP A 138 24.80 5.86 28.60
N ALA A 139 24.88 6.16 29.89
CA ALA A 139 24.14 7.28 30.46
C ALA A 139 24.57 8.62 29.85
N ASN A 140 25.79 8.65 29.33
CA ASN A 140 26.32 9.86 28.69
C ASN A 140 25.72 10.07 27.29
N SER A 141 25.44 8.98 26.59
CA SER A 141 24.89 9.02 25.24
C SER A 141 23.60 9.82 25.15
N LEU A 142 22.76 9.70 26.17
CA LEU A 142 21.42 10.28 26.13
C LEU A 142 21.22 11.33 27.21
N ALA A 143 22.29 12.06 27.50
CA ALA A 143 22.31 13.01 28.61
C ALA A 143 21.25 14.11 28.51
N GLY A 144 20.45 14.26 29.56
CA GLY A 144 19.46 15.31 29.63
C GLY A 144 18.22 15.11 28.79
N LEU A 145 17.99 13.89 28.34
CA LEU A 145 16.77 13.57 27.60
C LEU A 145 15.70 13.06 28.56
N TYR A 146 15.40 13.87 29.58
CA TYR A 146 14.43 13.50 30.62
C TYR A 146 12.98 13.69 30.19
N SER A 147 12.79 14.17 28.96
CA SER A 147 11.45 14.33 28.41
C SER A 147 11.25 13.35 27.26
N LEU A 148 12.21 12.45 27.07
CA LEU A 148 12.17 11.48 25.99
C LEU A 148 11.07 10.45 26.23
N ARG A 149 10.17 10.29 25.26
CA ARG A 149 9.12 9.29 25.34
C ARG A 149 9.39 8.14 24.39
N VAL A 150 9.98 8.47 23.24
CA VAL A 150 10.21 7.51 22.18
C VAL A 150 11.68 7.45 21.82
N LEU A 151 12.25 6.24 21.87
CA LEU A 151 13.59 6.02 21.39
C LEU A 151 13.65 4.75 20.56
N PHE A 152 14.06 4.90 19.31
CA PHE A 152 14.27 3.75 18.45
C PHE A 152 15.75 3.65 18.10
N MET A 153 16.32 2.45 18.22
CA MET A 153 17.63 2.17 17.64
C MET A 153 17.71 0.71 17.22
N ASP A 154 17.17 0.41 16.04
CA ASP A 154 17.21 -0.93 15.50
C ASP A 154 18.29 -1.04 14.43
N GLY A 155 18.83 -2.26 14.27
CA GLY A 155 19.66 -2.58 13.13
C GLY A 155 21.03 -1.94 13.10
N ASN A 156 21.71 -1.94 14.25
CA ASN A 156 23.07 -1.41 14.33
C ASN A 156 24.13 -2.49 14.36
N CYS A 157 23.70 -3.75 14.46
CA CYS A 157 24.63 -4.87 14.42
C CYS A 157 23.96 -6.16 13.93
N TYR A 158 23.57 -6.15 12.65
CA TYR A 158 23.08 -7.36 11.99
C TYR A 158 23.69 -7.46 10.60
N TYR A 159 23.22 -8.42 9.80
CA TYR A 159 23.92 -8.76 8.56
C TYR A 159 24.01 -7.65 7.50
N LYS A 160 23.07 -6.69 7.55
CA LYS A 160 23.05 -5.59 6.60
C LYS A 160 23.79 -4.35 7.10
N ASN A 161 24.03 -4.32 8.41
CA ASN A 161 24.72 -3.21 9.05
C ASN A 161 25.61 -3.82 10.12
N PRO A 162 26.63 -4.57 9.69
CA PRO A 162 27.39 -5.44 10.60
C PRO A 162 28.23 -4.68 11.61
N CYS A 163 28.50 -5.34 12.73
CA CYS A 163 29.47 -4.86 13.70
C CYS A 163 30.18 -6.11 14.22
N THR A 164 31.22 -5.90 15.01
CA THR A 164 31.90 -7.00 15.68
C THR A 164 31.38 -7.09 17.11
N GLY A 165 30.99 -8.29 17.52
CA GLY A 165 30.37 -8.48 18.82
C GLY A 165 28.92 -8.04 18.79
N ALA A 166 28.53 -7.17 19.73
CA ALA A 166 27.16 -6.69 19.78
C ALA A 166 27.15 -5.23 20.21
N VAL A 167 26.04 -4.54 19.99
CA VAL A 167 25.91 -3.22 20.57
C VAL A 167 25.71 -3.40 22.07
N LYS A 168 26.28 -2.51 22.86
CA LYS A 168 26.18 -2.64 24.31
C LYS A 168 25.31 -1.53 24.88
N VAL A 169 24.29 -1.92 25.63
CA VAL A 169 23.54 -0.98 26.44
C VAL A 169 23.90 -1.26 27.90
N THR A 170 24.58 -0.32 28.53
CA THR A 170 25.08 -0.51 29.88
C THR A 170 23.94 -0.47 30.89
N PRO A 171 24.10 -1.17 32.02
CA PRO A 171 23.10 -1.17 33.09
C PRO A 171 22.72 0.24 33.53
N GLY A 172 21.42 0.54 33.55
CA GLY A 172 20.93 1.83 34.02
C GLY A 172 21.17 3.00 33.09
N ALA A 173 21.71 2.74 31.91
CA ALA A 173 22.05 3.80 30.95
C ALA A 173 20.85 4.69 30.60
N LEU A 174 19.65 4.13 30.70
CA LEU A 174 18.45 4.80 30.24
C LEU A 174 17.51 5.21 31.37
N LEU A 175 17.96 5.05 32.61
CA LEU A 175 17.14 5.40 33.77
C LEU A 175 16.86 6.90 33.83
N GLY A 176 17.76 7.69 33.28
CA GLY A 176 17.57 9.13 33.20
C GLY A 176 16.38 9.48 32.34
N LEU A 177 16.00 8.56 31.45
CA LEU A 177 14.84 8.74 30.60
C LEU A 177 13.58 8.43 31.43
N SER A 178 13.23 9.38 32.30
CA SER A 178 12.16 9.20 33.27
C SER A 178 10.77 9.03 32.62
N GLN A 179 10.63 9.54 31.40
CA GLN A 179 9.34 9.54 30.72
C GLN A 179 9.29 8.57 29.54
N LEU A 180 10.30 7.70 29.43
CA LEU A 180 10.40 6.80 28.29
C LEU A 180 9.29 5.74 28.29
N THR A 181 8.46 5.78 27.27
CA THR A 181 7.38 4.82 27.13
C THR A 181 7.66 3.83 26.02
N HIS A 182 8.47 4.25 25.04
CA HIS A 182 8.71 3.48 23.82
C HIS A 182 10.18 3.09 23.60
N LEU A 183 10.53 1.81 23.66
CA LEU A 183 11.93 1.41 23.37
C LEU A 183 12.03 0.25 22.37
N SER A 184 12.80 0.47 21.31
CA SER A 184 13.03 -0.58 20.31
C SER A 184 14.52 -0.76 20.05
N LEU A 185 15.00 -1.98 20.23
CA LEU A 185 16.42 -2.29 20.12
C LEU A 185 16.59 -3.60 19.36
N LYS A 186 16.02 -3.63 18.17
CA LYS A 186 16.05 -4.83 17.33
C LYS A 186 17.37 -4.93 16.58
N TYR A 187 17.72 -6.15 16.20
CA TYR A 187 18.78 -6.38 15.24
C TYR A 187 20.09 -5.78 15.70
N ASN A 188 20.46 -6.09 16.94
CA ASN A 188 21.60 -5.47 17.59
C ASN A 188 22.48 -6.51 18.28
N ASN A 189 22.20 -7.78 18.01
CA ASN A 189 23.00 -8.89 18.54
C ASN A 189 23.06 -8.97 20.06
N LEU A 190 22.08 -8.36 20.72
CA LEU A 190 21.98 -8.42 22.17
C LEU A 190 21.84 -9.86 22.66
N THR A 191 22.62 -10.23 23.67
CA THR A 191 22.53 -11.56 24.26
C THR A 191 21.57 -11.58 25.44
N LYS A 192 21.39 -10.41 26.06
CA LYS A 192 20.47 -10.27 27.18
C LYS A 192 19.64 -8.99 27.03
N VAL A 193 18.46 -8.99 27.65
CA VAL A 193 17.70 -7.75 27.80
C VAL A 193 18.55 -6.81 28.64
N PRO A 194 18.68 -5.54 28.22
CA PRO A 194 19.45 -4.55 28.98
C PRO A 194 18.94 -4.41 30.40
N ARG A 195 19.85 -4.20 31.36
CA ARG A 195 19.48 -4.18 32.78
C ARG A 195 19.00 -2.80 33.24
N GLN A 196 18.13 -2.81 34.24
CA GLN A 196 17.66 -1.58 34.87
C GLN A 196 17.11 -0.59 33.85
N LEU A 197 16.18 -1.06 33.02
CA LEU A 197 15.51 -0.22 32.05
C LEU A 197 14.51 0.66 32.77
N PRO A 198 14.20 1.83 32.21
CA PRO A 198 13.23 2.74 32.84
C PRO A 198 11.88 2.07 33.05
N PRO A 199 11.38 2.09 34.29
CA PRO A 199 10.12 1.43 34.66
C PRO A 199 8.89 2.07 34.02
N SER A 200 9.08 3.20 33.35
CA SER A 200 7.98 3.90 32.70
C SER A 200 7.58 3.25 31.37
N LEU A 201 8.32 2.22 30.95
CA LEU A 201 8.17 1.61 29.62
C LEU A 201 6.82 0.95 29.36
N GLU A 202 6.11 1.42 28.33
CA GLU A 202 4.80 0.87 27.99
C GLU A 202 5.01 -0.13 26.86
N TYR A 203 6.15 -0.05 26.19
CA TYR A 203 6.53 -1.11 25.25
C TYR A 203 7.99 -1.18 24.84
N LEU A 204 8.42 -2.42 24.64
CA LEU A 204 9.82 -2.77 24.51
C LEU A 204 9.95 -3.78 23.39
N LEU A 205 10.74 -3.45 22.38
CA LEU A 205 10.97 -4.38 21.28
C LEU A 205 12.43 -4.78 21.29
N VAL A 206 12.68 -6.07 21.54
CA VAL A 206 14.04 -6.59 21.57
C VAL A 206 14.14 -7.81 20.67
N SER A 207 13.32 -7.81 19.63
CA SER A 207 13.27 -8.93 18.69
C SER A 207 14.52 -8.99 17.81
N TYR A 208 14.78 -10.20 17.29
CA TYR A 208 15.87 -10.43 16.36
C TYR A 208 17.25 -10.05 16.90
N ASN A 209 17.51 -10.45 18.15
CA ASN A 209 18.84 -10.43 18.71
C ASN A 209 19.26 -11.87 18.98
N LEU A 210 20.07 -12.07 20.01
CA LEU A 210 20.49 -13.42 20.38
C LEU A 210 20.12 -13.72 21.83
N ILE A 211 19.06 -13.08 22.31
CA ILE A 211 18.56 -13.32 23.66
C ILE A 211 17.90 -14.70 23.72
N VAL A 212 18.72 -15.71 24.01
CA VAL A 212 18.27 -17.10 23.99
C VAL A 212 17.58 -17.49 25.28
N LYS A 213 17.81 -16.71 26.34
CA LYS A 213 17.20 -17.00 27.63
C LYS A 213 16.39 -15.82 28.14
N LEU A 214 15.26 -16.12 28.76
CA LEU A 214 14.39 -15.09 29.30
C LEU A 214 13.81 -15.55 30.64
N GLY A 215 13.79 -14.63 31.60
CA GLY A 215 13.24 -14.90 32.91
C GLY A 215 12.79 -13.60 33.53
N PRO A 216 11.95 -13.67 34.57
CA PRO A 216 11.36 -12.51 35.25
C PRO A 216 12.41 -11.47 35.64
N GLU A 217 13.65 -11.92 35.84
CA GLU A 217 14.76 -11.01 36.12
C GLU A 217 14.98 -10.04 34.96
N ASP A 218 14.84 -10.53 33.74
CA ASP A 218 15.15 -9.75 32.54
C ASP A 218 14.10 -8.67 32.26
N LEU A 219 12.98 -8.76 32.98
CA LEU A 219 11.89 -7.81 32.81
C LEU A 219 11.53 -7.24 34.18
N ALA A 220 12.52 -7.19 35.05
CA ALA A 220 12.35 -6.68 36.42
C ALA A 220 11.88 -5.23 36.42
N GLN A 221 10.74 -4.99 37.07
CA GLN A 221 10.18 -3.65 37.27
C GLN A 221 9.49 -3.06 36.03
N LEU A 222 9.44 -3.81 34.93
CA LEU A 222 8.76 -3.31 33.74
C LEU A 222 7.26 -3.58 33.84
N THR A 223 6.69 -3.23 35.00
CA THR A 223 5.29 -3.50 35.29
C THR A 223 4.31 -2.54 34.60
N SER A 224 4.83 -1.75 33.67
CA SER A 224 3.98 -0.83 32.91
C SER A 224 3.94 -1.21 31.43
N LEU A 225 4.54 -2.35 31.10
CA LEU A 225 4.58 -2.83 29.71
C LEU A 225 3.18 -3.11 29.17
N ARG A 226 2.91 -2.64 27.96
CA ARG A 226 1.67 -2.99 27.28
C ARG A 226 1.96 -3.91 26.10
N VAL A 227 3.11 -3.72 25.45
CA VAL A 227 3.55 -4.67 24.43
C VAL A 227 5.02 -5.06 24.51
N LEU A 228 5.28 -6.36 24.44
CA LEU A 228 6.64 -6.86 24.51
C LEU A 228 6.92 -7.73 23.32
N ASP A 229 8.00 -7.44 22.59
CA ASP A 229 8.38 -8.25 21.44
C ASP A 229 9.75 -8.86 21.67
N VAL A 230 9.76 -10.17 21.93
CA VAL A 230 11.00 -10.89 22.18
C VAL A 230 11.19 -12.00 21.16
N GLY A 231 10.59 -11.82 19.98
CA GLY A 231 10.65 -12.81 18.92
C GLY A 231 11.94 -12.82 18.12
N GLY A 232 12.17 -13.90 17.39
CA GLY A 232 13.34 -14.00 16.53
C GLY A 232 14.66 -14.05 17.28
N ASN A 233 14.61 -14.40 18.56
CA ASN A 233 15.81 -14.47 19.38
C ASN A 233 16.38 -15.87 19.50
N CYS A 234 15.62 -16.84 19.00
CA CYS A 234 16.09 -18.22 18.87
C CYS A 234 15.46 -18.77 17.60
N ARG A 235 16.12 -18.50 16.47
CA ARG A 235 15.53 -18.81 15.17
C ARG A 235 16.01 -20.14 14.63
N ARG A 236 15.17 -20.77 13.81
CA ARG A 236 15.65 -21.86 12.96
C ARG A 236 15.85 -21.29 11.57
N CYS A 237 17.06 -21.45 11.04
CA CYS A 237 17.43 -20.80 9.80
C CYS A 237 17.44 -21.77 8.62
N ASP A 238 16.67 -22.85 8.74
CA ASP A 238 16.45 -23.73 7.60
C ASP A 238 15.56 -23.00 6.61
N HIS A 239 16.02 -22.89 5.37
CA HIS A 239 15.32 -22.12 4.34
C HIS A 239 15.03 -20.70 4.80
N ALA A 240 16.10 -19.96 5.10
CA ALA A 240 16.03 -18.53 5.38
C ALA A 240 16.68 -17.79 4.22
N PRO A 241 15.91 -16.96 3.53
CA PRO A 241 16.34 -16.24 2.32
C PRO A 241 17.54 -15.35 2.56
N ASN A 242 17.47 -14.55 3.62
CA ASN A 242 18.59 -13.69 4.02
C ASN A 242 19.36 -14.39 5.13
N PRO A 243 20.62 -13.97 5.38
CA PRO A 243 21.43 -14.56 6.45
C PRO A 243 20.67 -14.67 7.77
N CYS A 244 20.80 -15.83 8.42
CA CYS A 244 20.13 -16.07 9.69
C CYS A 244 21.12 -16.71 10.64
N ILE A 245 21.09 -16.30 11.91
CA ILE A 245 21.96 -16.91 12.91
C ILE A 245 21.21 -18.01 13.66
N GLU A 246 21.60 -19.25 13.41
CA GLU A 246 20.96 -20.40 14.01
C GLU A 246 21.12 -20.40 15.52
N CYS A 247 20.05 -20.74 16.23
CA CYS A 247 20.06 -20.73 17.68
C CYS A 247 20.97 -21.81 18.24
N GLY A 248 21.64 -21.50 19.34
CA GLY A 248 22.55 -22.45 19.97
C GLY A 248 21.84 -23.64 20.58
N GLN A 249 20.53 -23.52 20.77
CA GLN A 249 19.76 -24.53 21.50
C GLN A 249 18.50 -24.98 20.77
N LYS A 250 17.81 -25.95 21.36
CA LYS A 250 16.56 -26.49 20.83
C LYS A 250 15.47 -25.42 20.74
N SER A 251 15.37 -24.59 21.77
CA SER A 251 14.29 -23.64 21.86
C SER A 251 14.64 -22.46 22.74
N LEU A 252 13.94 -21.35 22.54
CA LEU A 252 13.96 -20.23 23.47
C LEU A 252 13.69 -20.81 24.84
N HIS A 253 14.56 -20.51 25.81
CA HIS A 253 14.33 -20.97 27.17
C HIS A 253 13.52 -19.95 27.95
N LEU A 254 12.29 -20.31 28.25
CA LEU A 254 11.34 -19.40 28.89
C LEU A 254 11.02 -19.86 30.30
N HIS A 255 11.26 -18.97 31.27
CA HIS A 255 10.93 -19.25 32.65
C HIS A 255 9.45 -19.00 32.90
N PRO A 256 8.74 -20.02 33.39
CA PRO A 256 7.29 -20.03 33.62
C PRO A 256 6.72 -18.75 34.20
N GLU A 257 7.44 -18.10 35.10
CA GLU A 257 6.96 -16.90 35.77
C GLU A 257 7.37 -15.59 35.10
N THR A 258 8.00 -15.67 33.94
CA THR A 258 8.57 -14.51 33.25
C THR A 258 7.64 -13.30 33.13
N PHE A 259 6.41 -13.54 32.69
CA PHE A 259 5.48 -12.46 32.37
C PHE A 259 4.44 -12.16 33.46
N HIS A 260 4.52 -12.88 34.58
CA HIS A 260 3.48 -12.87 35.61
C HIS A 260 3.07 -11.50 36.15
N HIS A 261 4.02 -10.59 36.26
CA HIS A 261 3.78 -9.28 36.84
C HIS A 261 3.25 -8.27 35.82
N LEU A 262 3.21 -8.67 34.56
CA LEU A 262 2.78 -7.79 33.47
C LEU A 262 1.25 -7.68 33.38
N SER A 263 0.68 -6.95 34.33
CA SER A 263 -0.77 -6.82 34.45
C SER A 263 -1.41 -6.02 33.31
N HIS A 264 -0.62 -5.15 32.69
CA HIS A 264 -1.14 -4.30 31.63
C HIS A 264 -0.77 -4.79 30.23
N LEU A 265 -0.06 -5.92 30.18
CA LEU A 265 0.39 -6.47 28.91
C LEU A 265 -0.77 -6.80 27.97
N GLU A 266 -0.94 -5.97 26.94
CA GLU A 266 -1.96 -6.17 25.92
C GLU A 266 -1.40 -6.95 24.73
N GLY A 267 -0.09 -6.85 24.53
CA GLY A 267 0.57 -7.46 23.39
C GLY A 267 1.84 -8.21 23.72
N LEU A 268 1.95 -9.45 23.23
CA LEU A 268 3.16 -10.25 23.39
C LEU A 268 3.43 -11.04 22.12
N VAL A 269 4.63 -10.86 21.57
CA VAL A 269 5.01 -11.61 20.38
C VAL A 269 6.20 -12.54 20.68
N LEU A 270 6.00 -13.81 20.38
CA LEU A 270 6.96 -14.86 20.67
C LEU A 270 7.29 -15.58 19.39
N LYS A 271 7.13 -14.89 18.26
CA LYS A 271 7.34 -15.49 16.95
C LYS A 271 8.79 -15.90 16.72
N ASP A 272 9.00 -16.95 15.93
CA ASP A 272 10.34 -17.42 15.58
C ASP A 272 11.21 -17.61 16.83
N SER A 273 10.74 -18.45 17.74
CA SER A 273 11.45 -18.70 18.99
C SER A 273 11.78 -20.18 19.14
N SER A 274 11.49 -20.95 18.09
CA SER A 274 11.67 -22.40 18.09
C SER A 274 10.88 -23.05 19.22
N LEU A 275 9.71 -22.49 19.53
CA LEU A 275 8.87 -23.01 20.61
C LEU A 275 8.24 -24.35 20.24
N HIS A 276 8.55 -25.37 21.03
CA HIS A 276 8.08 -26.73 20.76
C HIS A 276 6.80 -27.04 21.52
N THR A 277 6.60 -26.35 22.64
CA THR A 277 5.36 -26.47 23.40
C THR A 277 4.95 -25.11 23.94
N LEU A 278 3.68 -24.97 24.30
CA LEU A 278 3.22 -23.79 25.02
C LEU A 278 3.03 -24.13 26.48
N ASN A 279 3.20 -23.15 27.35
CA ASN A 279 2.97 -23.35 28.77
C ASN A 279 2.02 -22.27 29.31
N SER A 280 0.88 -22.71 29.83
CA SER A 280 -0.14 -21.80 30.35
C SER A 280 0.38 -20.86 31.45
N SER A 281 1.49 -21.23 32.07
CA SER A 281 2.16 -20.38 33.04
C SER A 281 2.47 -19.01 32.44
N TRP A 282 2.90 -19.02 31.18
CA TRP A 282 3.37 -17.82 30.50
C TRP A 282 2.30 -16.73 30.45
N PHE A 283 1.06 -17.16 30.30
CA PHE A 283 -0.05 -16.25 30.09
C PHE A 283 -0.89 -16.06 31.35
N GLN A 284 -0.47 -16.72 32.42
CA GLN A 284 -1.21 -16.73 33.70
C GLN A 284 -1.53 -15.34 34.25
N GLY A 285 -0.57 -14.42 34.20
CA GLY A 285 -0.78 -13.09 34.73
C GLY A 285 -1.20 -12.06 33.69
N LEU A 286 -1.33 -12.49 32.45
CA LEU A 286 -1.63 -11.59 31.35
C LEU A 286 -3.14 -11.45 31.12
N VAL A 287 -3.79 -10.62 31.93
CA VAL A 287 -5.25 -10.56 31.96
C VAL A 287 -5.88 -9.53 31.00
N GLN A 288 -5.05 -8.80 30.27
CA GLN A 288 -5.55 -7.91 29.23
C GLN A 288 -4.89 -8.24 27.90
N LEU A 289 -4.35 -9.45 27.81
CA LEU A 289 -3.67 -9.91 26.61
C LEU A 289 -4.67 -9.95 25.46
N SER A 290 -4.52 -9.02 24.53
CA SER A 290 -5.42 -8.93 23.38
C SER A 290 -4.75 -9.40 22.11
N VAL A 291 -3.43 -9.34 22.06
CA VAL A 291 -2.68 -9.77 20.89
C VAL A 291 -1.56 -10.75 21.26
N LEU A 292 -1.52 -11.87 20.53
CA LEU A 292 -0.50 -12.90 20.75
C LEU A 292 -0.01 -13.38 19.40
N ASP A 293 1.31 -13.30 19.19
CA ASP A 293 1.94 -13.78 17.97
C ASP A 293 2.81 -14.99 18.30
N LEU A 294 2.43 -16.16 17.79
CA LEU A 294 3.16 -17.39 18.05
C LEU A 294 3.73 -17.97 16.77
N SER A 295 3.78 -17.16 15.72
CA SER A 295 4.14 -17.63 14.38
C SER A 295 5.57 -18.14 14.26
N GLU A 296 5.82 -18.94 13.23
CA GLU A 296 7.16 -19.42 12.90
C GLU A 296 7.82 -20.26 14.01
N ASN A 297 7.00 -20.93 14.81
CA ASN A 297 7.49 -21.89 15.79
C ASN A 297 7.16 -23.32 15.36
N PHE A 298 7.19 -24.25 16.32
CA PHE A 298 6.86 -25.65 16.03
C PHE A 298 5.69 -26.11 16.88
N LEU A 299 4.60 -25.34 16.86
CA LEU A 299 3.46 -25.61 17.73
C LEU A 299 2.33 -26.31 17.00
N TYR A 300 2.66 -27.01 15.91
CA TYR A 300 1.68 -27.74 15.11
C TYR A 300 0.88 -28.71 15.97
N GLU A 301 1.59 -29.60 16.64
CA GLU A 301 0.95 -30.55 17.54
C GLU A 301 0.39 -29.86 18.78
N SER A 302 1.09 -28.83 19.23
CA SER A 302 0.70 -28.11 20.44
C SER A 302 -0.69 -27.47 20.33
N ILE A 303 -0.95 -26.76 19.25
CA ILE A 303 -2.25 -26.12 19.04
C ILE A 303 -3.36 -27.15 18.87
N THR A 304 -2.97 -28.40 18.61
CA THR A 304 -3.90 -29.50 18.41
C THR A 304 -4.32 -30.10 19.75
N HIS A 305 -3.58 -29.76 20.81
CA HIS A 305 -3.77 -30.44 22.10
C HIS A 305 -3.70 -29.53 23.34
N THR A 306 -2.99 -28.41 23.25
CA THR A 306 -2.71 -27.59 24.43
C THR A 306 -3.93 -27.10 25.20
N ASN A 307 -3.64 -26.53 26.37
CA ASN A 307 -4.64 -25.96 27.25
C ASN A 307 -4.29 -24.51 27.58
N ALA A 308 -3.21 -24.02 26.97
CA ALA A 308 -2.71 -22.68 27.26
C ALA A 308 -3.74 -21.59 26.99
N PHE A 309 -4.59 -21.83 25.99
CA PHE A 309 -5.56 -20.83 25.55
C PHE A 309 -6.76 -20.71 26.50
N GLN A 310 -6.86 -21.62 27.46
CA GLN A 310 -8.07 -21.74 28.31
C GLN A 310 -8.53 -20.46 29.03
N ASN A 311 -7.58 -19.59 29.38
CA ASN A 311 -7.95 -18.40 30.14
C ASN A 311 -7.62 -17.07 29.44
N LEU A 312 -7.28 -17.15 28.16
CA LEU A 312 -6.99 -15.95 27.38
C LEU A 312 -8.29 -15.35 26.83
N THR A 313 -9.15 -14.88 27.72
CA THR A 313 -10.51 -14.47 27.38
C THR A 313 -10.62 -13.04 26.85
N ARG A 314 -9.51 -12.32 26.81
CA ARG A 314 -9.50 -10.99 26.21
C ARG A 314 -8.73 -10.98 24.91
N LEU A 315 -8.22 -12.16 24.54
CA LEU A 315 -7.43 -12.30 23.33
C LEU A 315 -8.24 -11.89 22.09
N ARG A 316 -7.78 -10.85 21.40
CA ARG A 316 -8.49 -10.26 20.28
C ARG A 316 -7.91 -10.75 18.97
N LYS A 317 -6.58 -10.78 18.90
CA LYS A 317 -5.87 -11.25 17.71
C LYS A 317 -4.91 -12.38 18.06
N LEU A 318 -4.86 -13.40 17.22
CA LEU A 318 -3.96 -14.53 17.45
C LEU A 318 -3.30 -15.00 16.14
N ASN A 319 -1.97 -15.06 16.16
CA ASN A 319 -1.20 -15.49 14.99
C ASN A 319 -0.54 -16.84 15.24
N LEU A 320 -0.92 -17.84 14.45
CA LEU A 320 -0.38 -19.18 14.60
C LEU A 320 0.31 -19.61 13.30
N SER A 321 0.59 -18.62 12.45
CA SER A 321 1.04 -18.90 11.09
C SER A 321 2.40 -19.56 11.01
N PHE A 322 2.56 -20.43 10.03
CA PHE A 322 3.85 -21.06 9.72
C PHE A 322 4.42 -21.90 10.86
N ASN A 323 3.55 -22.58 11.58
CA ASN A 323 3.98 -23.53 12.59
C ASN A 323 4.15 -24.92 11.97
N TYR A 324 5.36 -25.46 12.08
CA TYR A 324 5.65 -26.75 11.46
C TYR A 324 5.48 -27.89 12.46
N ARG A 325 5.41 -29.12 11.94
CA ARG A 325 5.37 -30.31 12.78
C ARG A 325 6.66 -30.44 13.59
N ARG A 332 -3.95 -35.50 11.05
CA ARG A 332 -5.26 -34.87 10.91
C ARG A 332 -5.46 -33.73 11.91
N LEU A 333 -5.40 -32.50 11.42
CA LEU A 333 -5.37 -31.32 12.29
C LEU A 333 -6.73 -30.94 12.88
N HIS A 334 -6.74 -30.69 14.19
CA HIS A 334 -7.93 -30.22 14.90
C HIS A 334 -7.53 -29.23 15.97
N LEU A 335 -7.99 -27.99 15.85
CA LEU A 335 -7.74 -26.99 16.87
C LEU A 335 -8.18 -27.50 18.24
N ALA A 336 -7.29 -27.38 19.23
CA ALA A 336 -7.56 -27.89 20.56
C ALA A 336 -8.80 -27.25 21.18
N SER A 337 -9.46 -28.03 22.03
CA SER A 337 -10.69 -27.63 22.70
C SER A 337 -10.55 -26.32 23.49
N SER A 338 -9.31 -26.03 23.88
CA SER A 338 -8.98 -24.82 24.64
C SER A 338 -9.40 -23.53 23.92
N PHE A 339 -9.47 -23.60 22.59
CA PHE A 339 -9.85 -22.45 21.77
C PHE A 339 -11.26 -21.93 22.08
N LYS A 340 -12.12 -22.81 22.59
CA LYS A 340 -13.51 -22.46 22.87
C LYS A 340 -13.65 -21.30 23.87
N ASN A 341 -12.60 -21.07 24.65
CA ASN A 341 -12.63 -20.02 25.66
C ASN A 341 -12.26 -18.63 25.11
N LEU A 342 -11.78 -18.59 23.87
CA LEU A 342 -11.34 -17.34 23.27
C LEU A 342 -12.53 -16.50 22.78
N VAL A 343 -13.34 -16.03 23.73
CA VAL A 343 -14.60 -15.36 23.40
C VAL A 343 -14.46 -13.89 22.98
N SER A 344 -13.23 -13.39 22.96
CA SER A 344 -12.96 -12.03 22.49
C SER A 344 -12.28 -12.08 21.12
N LEU A 345 -11.99 -13.29 20.66
CA LEU A 345 -11.21 -13.49 19.44
C LEU A 345 -11.92 -12.93 18.21
N GLN A 346 -11.24 -12.03 17.51
CA GLN A 346 -11.79 -11.40 16.31
C GLN A 346 -11.04 -11.86 15.07
N GLU A 347 -9.78 -12.27 15.26
CA GLU A 347 -8.90 -12.52 14.13
C GLU A 347 -7.91 -13.64 14.42
N LEU A 348 -7.87 -14.61 13.51
CA LEU A 348 -7.00 -15.78 13.67
C LEU A 348 -6.22 -16.00 12.38
N ASN A 349 -4.90 -16.11 12.51
CA ASN A 349 -4.03 -16.35 11.36
C ASN A 349 -3.48 -17.77 11.39
N MET A 350 -3.84 -18.56 10.37
CA MET A 350 -3.39 -19.94 10.31
C MET A 350 -2.71 -20.24 8.98
N ASN A 351 -2.10 -19.19 8.41
CA ASN A 351 -1.34 -19.31 7.16
C ASN A 351 -0.12 -20.21 7.31
N GLY A 352 0.18 -20.97 6.26
CA GLY A 352 1.43 -21.72 6.20
C GLY A 352 1.65 -22.82 7.23
N ILE A 353 0.57 -23.33 7.80
CA ILE A 353 0.66 -24.43 8.77
C ILE A 353 0.75 -25.79 8.06
N PHE A 354 0.09 -25.89 6.91
CA PHE A 354 0.06 -27.09 6.06
C PHE A 354 -0.78 -28.23 6.64
N PHE A 355 -2.07 -28.23 6.33
CA PHE A 355 -2.92 -29.37 6.62
C PHE A 355 -3.74 -29.77 5.39
N ARG A 356 -3.64 -31.04 5.01
CA ARG A 356 -4.20 -31.54 3.77
C ARG A 356 -5.73 -31.42 3.73
N LEU A 357 -6.32 -31.29 4.91
CA LEU A 357 -7.76 -31.44 4.99
C LEU A 357 -8.46 -30.46 5.95
N LEU A 358 -9.54 -29.85 5.46
CA LEU A 358 -10.38 -28.97 6.26
C LEU A 358 -11.75 -29.62 6.42
N ASN A 359 -12.06 -30.07 7.64
CA ASN A 359 -13.33 -30.77 7.89
C ASN A 359 -14.20 -30.12 8.97
N LYS A 360 -15.25 -30.84 9.38
CA LYS A 360 -16.18 -30.33 10.39
C LYS A 360 -15.57 -30.28 11.78
N TYR A 361 -14.47 -31.01 11.99
CA TYR A 361 -13.81 -31.05 13.29
C TYR A 361 -12.62 -30.10 13.36
N THR A 362 -11.97 -29.89 12.22
CA THR A 362 -10.75 -29.08 12.11
C THR A 362 -10.82 -27.75 12.87
N LEU A 363 -11.93 -27.05 12.73
CA LEU A 363 -12.09 -25.73 13.33
C LEU A 363 -13.27 -25.69 14.30
N ARG A 364 -13.75 -26.86 14.70
CA ARG A 364 -14.92 -27.01 15.57
C ARG A 364 -15.04 -25.99 16.70
N TRP A 365 -13.95 -25.79 17.43
CA TRP A 365 -14.00 -25.00 18.66
C TRP A 365 -13.96 -23.49 18.44
N LEU A 366 -14.05 -23.06 17.18
CA LEU A 366 -14.13 -21.65 16.84
C LEU A 366 -15.57 -21.24 16.55
N ALA A 367 -16.43 -22.23 16.35
CA ALA A 367 -17.77 -22.00 15.80
C ALA A 367 -18.69 -21.14 16.68
N ASP A 368 -18.49 -21.19 17.99
CA ASP A 368 -19.38 -20.49 18.91
C ASP A 368 -18.76 -19.20 19.46
N LEU A 369 -17.57 -18.87 18.97
CA LEU A 369 -16.90 -17.63 19.35
C LEU A 369 -17.69 -16.43 18.82
N PRO A 370 -18.20 -15.59 19.74
CA PRO A 370 -19.20 -14.54 19.45
C PRO A 370 -18.79 -13.48 18.42
N LYS A 371 -17.53 -13.11 18.34
CA LYS A 371 -17.14 -12.06 17.39
C LYS A 371 -15.92 -12.36 16.51
N LEU A 372 -15.70 -13.64 16.21
CA LEU A 372 -14.67 -14.05 15.26
C LEU A 372 -15.01 -13.63 13.82
N HIS A 373 -14.38 -12.57 13.33
CA HIS A 373 -14.74 -12.04 12.01
C HIS A 373 -13.73 -12.33 10.90
N THR A 374 -12.50 -12.69 11.26
CA THR A 374 -11.46 -12.87 10.25
C THR A 374 -10.62 -14.13 10.44
N LEU A 375 -10.49 -14.90 9.36
CA LEU A 375 -9.78 -16.17 9.41
C LEU A 375 -8.82 -16.28 8.23
N HIS A 376 -7.52 -16.30 8.53
CA HIS A 376 -6.50 -16.43 7.49
C HIS A 376 -6.07 -17.89 7.34
N LEU A 377 -6.26 -18.45 6.14
CA LEU A 377 -5.94 -19.84 5.88
C LEU A 377 -5.14 -20.04 4.59
N GLN A 378 -4.29 -19.07 4.28
CA GLN A 378 -3.48 -19.11 3.07
C GLN A 378 -2.39 -20.17 3.13
N MET A 379 -2.07 -20.75 1.97
CA MET A 379 -0.87 -21.55 1.80
C MET A 379 -0.81 -22.74 2.77
N ASN A 380 -1.87 -23.53 2.78
CA ASN A 380 -1.94 -24.69 3.66
C ASN A 380 -2.01 -26.00 2.90
N PHE A 381 -1.91 -25.92 1.57
CA PHE A 381 -1.99 -27.09 0.70
C PHE A 381 -3.27 -27.89 0.93
N ILE A 382 -4.35 -27.19 1.28
CA ILE A 382 -5.64 -27.84 1.51
C ILE A 382 -6.20 -28.37 0.19
N ASN A 383 -6.40 -29.68 0.11
CA ASN A 383 -6.93 -30.29 -1.12
C ASN A 383 -8.32 -30.90 -0.97
N GLN A 384 -8.86 -30.84 0.24
CA GLN A 384 -10.21 -31.34 0.51
C GLN A 384 -10.82 -30.45 1.60
N ALA A 385 -11.94 -29.81 1.26
CA ALA A 385 -12.51 -28.81 2.16
C ALA A 385 -14.03 -28.83 2.17
N GLN A 386 -14.61 -29.02 3.35
CA GLN A 386 -16.04 -28.82 3.54
C GLN A 386 -16.27 -27.35 3.88
N LEU A 387 -16.45 -26.54 2.86
CA LEU A 387 -16.63 -25.11 3.04
C LEU A 387 -17.89 -24.79 3.84
N SER A 388 -18.84 -25.73 3.85
CA SER A 388 -20.10 -25.57 4.56
C SER A 388 -19.94 -25.10 6.01
N ILE A 389 -18.86 -25.55 6.66
CA ILE A 389 -18.55 -25.19 8.03
C ILE A 389 -18.54 -23.67 8.27
N PHE A 390 -18.18 -22.91 7.25
CA PHE A 390 -18.07 -21.46 7.38
C PHE A 390 -19.43 -20.75 7.37
N GLY A 391 -20.49 -21.54 7.16
CA GLY A 391 -21.85 -21.01 7.25
C GLY A 391 -22.43 -21.16 8.64
N THR A 392 -21.71 -21.88 9.51
CA THR A 392 -22.18 -22.17 10.86
C THR A 392 -21.62 -21.22 11.92
N PHE A 393 -20.57 -20.49 11.56
CA PHE A 393 -19.90 -19.58 12.50
C PHE A 393 -20.83 -18.42 12.90
N ARG A 394 -20.45 -17.68 13.95
CA ARG A 394 -21.34 -16.64 14.49
C ARG A 394 -21.24 -15.27 13.80
N ALA A 395 -20.06 -14.88 13.35
CA ALA A 395 -19.90 -13.58 12.72
C ALA A 395 -18.74 -13.46 11.73
N LEU A 396 -18.43 -14.56 11.04
CA LEU A 396 -17.42 -14.54 10.00
C LEU A 396 -17.72 -13.47 8.95
N ARG A 397 -16.73 -12.63 8.67
CA ARG A 397 -16.86 -11.61 7.65
C ARG A 397 -15.81 -11.77 6.57
N PHE A 398 -14.76 -12.54 6.87
CA PHE A 398 -13.69 -12.78 5.90
C PHE A 398 -12.97 -14.10 6.12
N VAL A 399 -12.98 -14.95 5.09
CA VAL A 399 -12.25 -16.21 5.12
C VAL A 399 -11.32 -16.28 3.91
N ASP A 400 -10.02 -16.24 4.16
CA ASP A 400 -9.04 -16.28 3.08
C ASP A 400 -8.48 -17.68 2.91
N LEU A 401 -8.87 -18.34 1.81
CA LEU A 401 -8.36 -19.68 1.50
C LEU A 401 -7.50 -19.64 0.24
N SER A 402 -6.97 -18.46 -0.06
CA SER A 402 -6.14 -18.27 -1.26
C SER A 402 -4.86 -19.09 -1.19
N ASP A 403 -4.35 -19.46 -2.36
CA ASP A 403 -3.14 -20.27 -2.48
C ASP A 403 -3.26 -21.61 -1.75
N ASN A 404 -4.31 -22.35 -2.06
CA ASN A 404 -4.42 -23.75 -1.62
C ASN A 404 -4.64 -24.63 -2.83
N ARG A 405 -4.99 -25.90 -2.61
CA ARG A 405 -5.16 -26.82 -3.71
C ARG A 405 -6.56 -27.43 -3.73
N ILE A 406 -7.57 -26.56 -3.59
CA ILE A 406 -8.96 -27.00 -3.62
C ILE A 406 -9.43 -27.19 -5.06
N SER A 407 -9.98 -28.36 -5.36
CA SER A 407 -10.34 -28.73 -6.72
C SER A 407 -11.82 -28.99 -6.92
N GLY A 408 -12.57 -29.07 -5.82
CA GLY A 408 -14.00 -29.29 -5.89
C GLY A 408 -14.68 -29.39 -4.53
N PRO A 409 -15.93 -29.87 -4.52
CA PRO A 409 -16.67 -30.11 -3.27
C PRO A 409 -16.04 -31.26 -2.52
N SER A 410 -16.36 -31.41 -1.24
CA SER A 410 -15.75 -32.47 -0.44
C SER A 410 -16.37 -33.84 -0.73
N THR A 411 -15.62 -34.90 -0.44
CA THR A 411 -16.05 -36.25 -0.72
C THR A 411 -16.28 -37.05 0.57
N MET A 447 -11.99 -5.49 -7.67
CA MET A 447 -13.37 -5.25 -7.25
C MET A 447 -13.66 -5.84 -5.87
N ASP A 448 -12.90 -6.86 -5.48
CA ASP A 448 -13.05 -7.48 -4.17
C ASP A 448 -12.72 -6.52 -3.02
N ARG A 449 -13.71 -5.74 -2.61
CA ARG A 449 -13.63 -4.85 -1.45
C ARG A 449 -15.00 -4.17 -1.28
N CYS A 450 -15.96 -4.72 -0.52
CA CYS A 450 -15.96 -5.96 0.29
C CYS A 450 -15.26 -5.92 1.66
N LYS A 451 -14.52 -4.86 1.95
CA LYS A 451 -13.79 -4.78 3.22
C LYS A 451 -14.74 -4.62 4.41
N LYS A 454 -18.90 -7.06 4.85
CA LYS A 454 -19.32 -8.02 3.83
C LYS A 454 -18.71 -9.39 4.04
N PHE A 455 -19.56 -10.39 4.22
CA PHE A 455 -19.13 -11.79 4.30
C PHE A 455 -18.39 -12.11 3.02
N THR A 456 -17.08 -12.35 3.15
CA THR A 456 -16.22 -12.52 1.98
C THR A 456 -15.38 -13.79 2.07
N MET A 457 -15.23 -14.46 0.94
CA MET A 457 -14.40 -15.65 0.86
C MET A 457 -13.48 -15.56 -0.35
N ASP A 458 -12.17 -15.75 -0.13
CA ASP A 458 -11.21 -15.73 -1.21
C ASP A 458 -10.73 -17.15 -1.52
N LEU A 459 -11.07 -17.66 -2.69
CA LEU A 459 -10.60 -18.96 -3.13
C LEU A 459 -9.60 -18.84 -4.29
N SER A 460 -8.95 -17.69 -4.41
CA SER A 460 -8.03 -17.46 -5.52
C SER A 460 -6.77 -18.30 -5.42
N ARG A 461 -6.15 -18.54 -6.57
CA ARG A 461 -4.93 -19.35 -6.65
C ARG A 461 -5.11 -20.74 -6.06
N ASN A 462 -6.24 -21.35 -6.38
CA ASN A 462 -6.52 -22.72 -6.02
C ASN A 462 -6.49 -23.63 -7.25
N ASN A 463 -7.10 -24.81 -7.16
CA ASN A 463 -7.05 -25.80 -8.22
C ASN A 463 -8.41 -26.10 -8.87
N LEU A 464 -9.31 -25.14 -8.84
CA LEU A 464 -10.61 -25.32 -9.46
C LEU A 464 -10.47 -25.32 -10.97
N VAL A 465 -11.01 -26.37 -11.59
CA VAL A 465 -11.10 -26.47 -13.04
C VAL A 465 -12.58 -26.45 -13.41
N THR A 466 -13.40 -27.00 -12.52
CA THR A 466 -14.84 -27.01 -12.70
C THR A 466 -15.56 -26.51 -11.45
N ILE A 467 -16.54 -25.64 -11.64
CA ILE A 467 -17.35 -25.13 -10.54
C ILE A 467 -18.65 -25.90 -10.41
N LYS A 468 -18.86 -26.50 -9.25
CA LYS A 468 -20.08 -27.25 -8.99
C LYS A 468 -20.84 -26.60 -7.84
N PRO A 469 -22.14 -26.33 -8.05
CA PRO A 469 -23.01 -25.65 -7.09
C PRO A 469 -22.93 -26.23 -5.67
N GLU A 470 -22.69 -27.53 -5.55
CA GLU A 470 -22.66 -28.19 -4.24
C GLU A 470 -21.47 -27.75 -3.37
N MET A 471 -20.43 -27.19 -3.99
CA MET A 471 -19.29 -26.73 -3.21
C MET A 471 -19.66 -25.48 -2.42
N PHE A 472 -20.81 -24.89 -2.74
CA PHE A 472 -21.25 -23.66 -2.09
C PHE A 472 -22.39 -23.84 -1.10
N VAL A 473 -22.73 -25.09 -0.77
CA VAL A 473 -23.81 -25.35 0.17
C VAL A 473 -23.53 -24.72 1.54
N GLN A 474 -24.54 -24.05 2.08
CA GLN A 474 -24.45 -23.32 3.35
C GLN A 474 -23.57 -22.06 3.32
N LEU A 475 -23.05 -21.72 2.15
CA LEU A 475 -22.30 -20.48 1.99
C LEU A 475 -23.18 -19.42 1.35
N SER A 476 -24.49 -19.65 1.45
CA SER A 476 -25.50 -18.80 0.84
C SER A 476 -25.49 -17.36 1.34
N ARG A 477 -24.76 -17.10 2.42
CA ARG A 477 -24.67 -15.77 2.98
C ARG A 477 -23.52 -14.97 2.36
N LEU A 478 -22.66 -15.64 1.60
CA LEU A 478 -21.55 -14.97 0.93
C LEU A 478 -22.00 -13.81 0.04
N GLN A 479 -21.36 -12.67 0.23
CA GLN A 479 -21.64 -11.48 -0.56
C GLN A 479 -20.47 -11.19 -1.50
N CYS A 480 -19.29 -11.71 -1.17
CA CYS A 480 -18.12 -11.52 -2.02
C CYS A 480 -17.30 -12.80 -2.15
N LEU A 481 -16.97 -13.16 -3.39
CA LEU A 481 -16.22 -14.38 -3.67
C LEU A 481 -15.15 -14.14 -4.73
N SER A 482 -13.99 -14.74 -4.54
CA SER A 482 -12.94 -14.68 -5.54
C SER A 482 -12.51 -16.08 -5.98
N LEU A 483 -12.62 -16.33 -7.28
CA LEU A 483 -12.16 -17.59 -7.88
C LEU A 483 -11.04 -17.27 -8.85
N SER A 484 -10.42 -16.10 -8.66
CA SER A 484 -9.36 -15.63 -9.55
C SER A 484 -8.18 -16.59 -9.54
N HIS A 485 -7.44 -16.60 -10.65
CA HIS A 485 -6.21 -17.38 -10.77
C HIS A 485 -6.39 -18.86 -10.45
N ASN A 486 -7.50 -19.44 -10.89
CA ASN A 486 -7.62 -20.88 -10.88
C ASN A 486 -7.32 -21.41 -12.27
N SER A 487 -7.92 -22.53 -12.65
CA SER A 487 -7.76 -23.04 -14.01
C SER A 487 -9.13 -23.43 -14.56
N ILE A 488 -10.12 -22.63 -14.20
CA ILE A 488 -11.50 -22.91 -14.57
C ILE A 488 -11.73 -22.75 -16.07
N ALA A 489 -11.73 -23.88 -16.77
CA ALA A 489 -12.11 -23.94 -18.18
C ALA A 489 -13.48 -24.62 -18.22
N GLN A 490 -14.52 -23.83 -18.46
CA GLN A 490 -15.88 -24.34 -18.33
C GLN A 490 -16.91 -23.48 -19.05
N ALA A 491 -17.92 -24.13 -19.62
CA ALA A 491 -19.07 -23.42 -20.15
C ALA A 491 -20.00 -23.00 -19.01
N VAL A 492 -19.87 -21.75 -18.59
CA VAL A 492 -20.77 -21.18 -17.59
C VAL A 492 -22.15 -21.01 -18.23
N ASN A 493 -23.21 -21.36 -17.50
CA ASN A 493 -24.55 -21.45 -18.09
C ASN A 493 -25.71 -21.27 -17.13
N GLY A 494 -25.46 -20.67 -15.97
CA GLY A 494 -26.52 -20.44 -15.00
C GLY A 494 -26.68 -21.57 -14.00
N SER A 495 -25.86 -22.61 -14.15
CA SER A 495 -25.97 -23.79 -13.27
C SER A 495 -24.70 -24.03 -12.44
N GLN A 496 -24.02 -22.96 -12.04
CA GLN A 496 -22.77 -23.11 -11.28
C GLN A 496 -22.83 -22.61 -9.84
N PHE A 497 -23.54 -21.50 -9.61
CA PHE A 497 -23.53 -20.87 -8.29
C PHE A 497 -24.91 -20.72 -7.67
N LEU A 498 -25.76 -21.74 -7.81
CA LEU A 498 -27.13 -21.70 -7.27
C LEU A 498 -27.22 -21.28 -5.79
N PRO A 499 -26.43 -21.89 -4.90
CA PRO A 499 -26.57 -21.51 -3.49
C PRO A 499 -26.14 -20.08 -3.19
N LEU A 500 -25.36 -19.46 -4.07
CA LEU A 500 -24.87 -18.11 -3.82
C LEU A 500 -25.94 -17.06 -4.12
N THR A 501 -27.04 -17.13 -3.37
CA THR A 501 -28.20 -16.27 -3.57
C THR A 501 -27.92 -14.81 -3.23
N ASN A 502 -26.93 -14.57 -2.38
CA ASN A 502 -26.67 -13.22 -1.92
C ASN A 502 -25.41 -12.60 -2.51
N LEU A 503 -24.74 -13.34 -3.39
CA LEU A 503 -23.46 -12.91 -3.94
C LEU A 503 -23.54 -11.60 -4.72
N GLN A 504 -22.80 -10.60 -4.25
CA GLN A 504 -22.80 -9.29 -4.89
C GLN A 504 -21.55 -9.09 -5.74
N VAL A 505 -20.40 -9.53 -5.22
CA VAL A 505 -19.13 -9.39 -5.92
C VAL A 505 -18.53 -10.74 -6.29
N LEU A 506 -18.17 -10.90 -7.56
CA LEU A 506 -17.57 -12.14 -8.06
C LEU A 506 -16.33 -11.85 -8.91
N ASP A 507 -15.18 -12.32 -8.46
CA ASP A 507 -13.94 -12.19 -9.23
C ASP A 507 -13.60 -13.53 -9.87
N LEU A 508 -13.76 -13.61 -11.19
CA LEU A 508 -13.41 -14.82 -11.92
C LEU A 508 -12.24 -14.58 -12.87
N SER A 509 -11.44 -13.55 -12.56
CA SER A 509 -10.34 -13.14 -13.42
C SER A 509 -9.26 -14.22 -13.55
N HIS A 510 -8.46 -14.11 -14.60
CA HIS A 510 -7.36 -15.03 -14.86
C HIS A 510 -7.79 -16.50 -14.92
N ASN A 511 -8.92 -16.75 -15.56
CA ASN A 511 -9.37 -18.13 -15.79
C ASN A 511 -9.59 -18.39 -17.28
N LYS A 512 -10.13 -19.56 -17.60
CA LYS A 512 -10.32 -19.96 -19.00
C LYS A 512 -11.79 -20.24 -19.32
N LEU A 513 -12.66 -19.32 -18.91
CA LEU A 513 -14.09 -19.46 -19.13
C LEU A 513 -14.45 -19.18 -20.58
N ASP A 514 -15.39 -19.95 -21.13
CA ASP A 514 -16.02 -19.52 -22.38
C ASP A 514 -17.42 -18.97 -22.08
N LEU A 515 -17.68 -17.78 -22.62
CA LEU A 515 -18.82 -16.98 -22.20
C LEU A 515 -19.82 -16.80 -23.34
N TYR A 516 -20.05 -17.85 -24.11
CA TYR A 516 -21.01 -17.79 -25.20
C TYR A 516 -22.43 -17.90 -24.67
N HIS A 517 -22.61 -18.62 -23.56
CA HIS A 517 -23.94 -18.92 -23.06
C HIS A 517 -24.61 -17.73 -22.37
N TRP A 518 -25.78 -17.36 -22.88
CA TRP A 518 -26.49 -16.17 -22.43
C TRP A 518 -27.18 -16.34 -21.07
N LYS A 519 -27.15 -17.55 -20.53
CA LYS A 519 -27.70 -17.79 -19.20
C LYS A 519 -26.62 -17.67 -18.11
N SER A 520 -25.40 -17.38 -18.52
CA SER A 520 -24.28 -17.24 -17.58
C SER A 520 -24.57 -16.29 -16.44
N PHE A 521 -24.32 -16.74 -15.21
CA PHE A 521 -24.42 -15.91 -14.02
C PHE A 521 -25.86 -15.46 -13.69
N SER A 522 -26.84 -16.02 -14.41
CA SER A 522 -28.23 -15.66 -14.17
C SER A 522 -28.77 -16.24 -12.85
N GLU A 523 -27.99 -17.12 -12.22
CA GLU A 523 -28.39 -17.68 -10.92
C GLU A 523 -27.81 -16.85 -9.78
N LEU A 524 -27.23 -15.71 -10.12
CA LEU A 524 -26.71 -14.75 -9.14
C LEU A 524 -27.56 -13.48 -9.17
N PRO A 525 -28.71 -13.50 -8.48
CA PRO A 525 -29.67 -12.40 -8.60
C PRO A 525 -29.20 -11.08 -7.98
N GLN A 526 -28.21 -11.15 -7.08
CA GLN A 526 -27.73 -9.95 -6.42
C GLN A 526 -26.38 -9.49 -6.95
N LEU A 527 -25.90 -10.15 -7.99
CA LEU A 527 -24.59 -9.84 -8.59
C LEU A 527 -24.48 -8.39 -9.04
N GLN A 528 -23.60 -7.62 -8.41
CA GLN A 528 -23.45 -6.20 -8.71
C GLN A 528 -22.12 -5.87 -9.40
N ALA A 529 -21.12 -6.72 -9.20
CA ALA A 529 -19.78 -6.48 -9.74
C ALA A 529 -19.14 -7.79 -10.18
N LEU A 530 -18.76 -7.86 -11.45
CA LEU A 530 -18.25 -9.10 -12.03
C LEU A 530 -16.93 -8.87 -12.76
N ASP A 531 -15.86 -9.51 -12.26
CA ASP A 531 -14.54 -9.35 -12.85
C ASP A 531 -14.16 -10.57 -13.69
N LEU A 532 -14.02 -10.35 -15.00
CA LEU A 532 -13.64 -11.40 -15.94
C LEU A 532 -12.35 -11.04 -16.65
N SER A 533 -11.55 -10.19 -16.02
CA SER A 533 -10.25 -9.77 -16.54
C SER A 533 -9.38 -10.96 -16.95
N TYR A 534 -8.58 -10.77 -17.98
CA TYR A 534 -7.61 -11.79 -18.40
C TYR A 534 -8.23 -13.17 -18.62
N ASN A 535 -9.40 -13.19 -19.24
CA ASN A 535 -10.06 -14.46 -19.54
C ASN A 535 -9.67 -14.98 -20.92
N SER A 536 -9.46 -16.29 -21.01
CA SER A 536 -9.06 -16.91 -22.27
C SER A 536 -10.07 -17.98 -22.67
N GLN A 537 -10.90 -17.65 -23.67
CA GLN A 537 -11.87 -18.60 -24.21
C GLN A 537 -11.18 -19.78 -24.86
N GLY A 543 -19.25 -22.98 -32.34
CA GLY A 543 -19.88 -22.11 -33.31
C GLY A 543 -21.31 -21.77 -32.92
N ILE A 544 -21.60 -21.84 -31.63
CA ILE A 544 -22.93 -21.53 -31.12
C ILE A 544 -22.83 -20.39 -30.11
N GLY A 545 -23.97 -19.75 -29.83
CA GLY A 545 -24.01 -18.65 -28.87
C GLY A 545 -23.15 -17.48 -29.27
N HIS A 546 -23.11 -16.45 -28.44
CA HIS A 546 -22.26 -15.30 -28.71
C HIS A 546 -21.61 -14.76 -27.44
N GLN A 547 -20.31 -14.53 -27.53
CA GLN A 547 -19.53 -14.05 -26.39
C GLN A 547 -20.09 -12.76 -25.84
N PHE A 548 -20.30 -12.72 -24.53
CA PHE A 548 -20.78 -11.55 -23.79
C PHE A 548 -22.28 -11.29 -23.96
N SER A 549 -23.00 -12.26 -24.52
CA SER A 549 -24.44 -12.12 -24.71
C SER A 549 -25.21 -12.08 -23.40
N PHE A 550 -24.61 -12.62 -22.33
CA PHE A 550 -25.28 -12.75 -21.04
C PHE A 550 -25.45 -11.42 -20.30
N VAL A 551 -24.62 -10.43 -20.66
CA VAL A 551 -24.54 -9.17 -19.93
C VAL A 551 -25.90 -8.51 -19.71
N THR A 552 -26.73 -8.52 -20.74
CA THR A 552 -28.04 -7.87 -20.69
C THR A 552 -29.00 -8.53 -19.71
N HIS A 553 -28.71 -9.76 -19.32
CA HIS A 553 -29.62 -10.52 -18.47
C HIS A 553 -29.21 -10.50 -17.00
N LEU A 554 -28.16 -9.75 -16.69
CA LEU A 554 -27.73 -9.56 -15.29
C LEU A 554 -28.33 -8.25 -14.77
N SER A 555 -29.47 -8.34 -14.09
CA SER A 555 -30.32 -7.17 -13.84
C SER A 555 -29.77 -6.15 -12.84
N MET A 556 -28.83 -6.53 -12.01
CA MET A 556 -28.29 -5.55 -11.07
C MET A 556 -26.80 -5.26 -11.23
N LEU A 557 -26.21 -5.81 -12.28
CA LEU A 557 -24.79 -5.60 -12.57
C LEU A 557 -24.47 -4.12 -12.75
N GLN A 558 -23.62 -3.58 -11.87
CA GLN A 558 -23.23 -2.17 -11.93
C GLN A 558 -21.79 -2.00 -12.43
N SER A 559 -20.94 -2.98 -12.15
CA SER A 559 -19.54 -2.91 -12.55
C SER A 559 -19.12 -4.21 -13.21
N LEU A 560 -18.41 -4.07 -14.33
CA LEU A 560 -17.99 -5.22 -15.13
C LEU A 560 -16.63 -4.98 -15.74
N SER A 561 -15.75 -5.98 -15.63
CA SER A 561 -14.50 -5.92 -16.35
C SER A 561 -14.38 -7.10 -17.31
N LEU A 562 -14.08 -6.79 -18.56
CA LEU A 562 -13.79 -7.79 -19.57
C LEU A 562 -12.40 -7.51 -20.10
N ALA A 563 -11.58 -6.88 -19.27
CA ALA A 563 -10.25 -6.43 -19.66
C ALA A 563 -9.32 -7.56 -20.08
N HIS A 564 -8.51 -7.29 -21.09
CA HIS A 564 -7.50 -8.23 -21.59
C HIS A 564 -8.05 -9.61 -21.87
N ASN A 565 -9.10 -9.67 -22.69
CA ASN A 565 -9.75 -10.93 -23.03
C ASN A 565 -9.40 -11.44 -24.42
N ASP A 566 -9.88 -12.63 -24.75
CA ASP A 566 -9.73 -13.21 -26.07
C ASP A 566 -11.02 -13.05 -26.87
N ILE A 567 -11.17 -11.93 -27.55
CA ILE A 567 -12.40 -11.61 -28.26
C ILE A 567 -12.41 -12.24 -29.67
N HIS A 568 -13.22 -13.28 -29.85
CA HIS A 568 -13.20 -14.01 -31.12
C HIS A 568 -14.32 -13.62 -32.10
N THR A 569 -14.30 -14.24 -33.27
CA THR A 569 -15.19 -13.94 -34.41
C THR A 569 -16.62 -13.60 -34.00
N ARG A 570 -17.27 -14.54 -33.33
CA ARG A 570 -18.67 -14.38 -32.96
C ARG A 570 -18.82 -13.73 -31.58
N VAL A 571 -18.02 -12.70 -31.32
CA VAL A 571 -18.28 -11.83 -30.18
C VAL A 571 -19.56 -11.04 -30.49
N SER A 572 -20.46 -10.97 -29.52
CA SER A 572 -21.69 -10.20 -29.68
C SER A 572 -21.37 -8.80 -30.18
N SER A 573 -22.02 -8.40 -31.27
CA SER A 573 -21.80 -7.09 -31.85
C SER A 573 -22.37 -6.00 -30.95
N HIS A 574 -23.21 -6.42 -30.01
CA HIS A 574 -23.82 -5.48 -29.08
C HIS A 574 -23.65 -5.91 -27.62
N LEU A 575 -23.33 -4.95 -26.77
CA LEU A 575 -23.39 -5.14 -25.33
C LEU A 575 -24.59 -4.35 -24.82
N ASN A 576 -25.50 -5.03 -24.14
CA ASN A 576 -26.69 -4.36 -23.61
C ASN A 576 -26.81 -4.44 -22.09
N SER A 577 -27.40 -3.40 -21.51
CA SER A 577 -27.70 -3.37 -20.09
C SER A 577 -28.45 -2.09 -19.72
N ASN A 578 -29.11 -2.11 -18.58
CA ASN A 578 -29.75 -0.93 -18.03
C ASN A 578 -29.08 -0.56 -16.72
N SER A 579 -28.18 -1.42 -16.26
CA SER A 579 -27.62 -1.26 -14.91
C SER A 579 -26.11 -0.99 -14.86
N VAL A 580 -25.37 -1.48 -15.84
CA VAL A 580 -23.91 -1.28 -15.85
C VAL A 580 -23.56 0.21 -15.87
N ARG A 581 -22.71 0.62 -14.93
CA ARG A 581 -22.31 2.02 -14.82
C ARG A 581 -20.81 2.15 -15.09
N PHE A 582 -20.09 1.07 -14.88
CA PHE A 582 -18.67 1.02 -15.13
C PHE A 582 -18.32 -0.20 -15.97
N LEU A 583 -17.60 0.04 -17.07
CA LEU A 583 -17.15 -1.06 -17.90
C LEU A 583 -15.67 -0.94 -18.18
N ASP A 584 -14.90 -1.96 -17.82
CA ASP A 584 -13.50 -1.98 -18.17
C ASP A 584 -13.32 -2.86 -19.40
N PHE A 585 -13.06 -2.22 -20.54
CA PHE A 585 -12.79 -2.93 -21.78
C PHE A 585 -11.35 -2.66 -22.22
N SER A 586 -10.44 -2.66 -21.25
CA SER A 586 -9.02 -2.43 -21.51
C SER A 586 -8.32 -3.63 -22.12
N GLY A 587 -7.26 -3.36 -22.89
CA GLY A 587 -6.40 -4.43 -23.38
C GLY A 587 -7.08 -5.38 -24.32
N ASN A 588 -8.07 -4.89 -25.05
CA ASN A 588 -8.72 -5.70 -26.07
C ASN A 588 -8.33 -5.18 -27.45
N GLY A 589 -9.14 -5.48 -28.47
CA GLY A 589 -8.80 -5.06 -29.82
C GLY A 589 -9.84 -4.14 -30.44
N MET A 590 -10.17 -3.05 -29.76
CA MET A 590 -11.22 -2.16 -30.23
C MET A 590 -10.83 -1.45 -31.52
N GLY A 591 -9.52 -1.28 -31.73
CA GLY A 591 -9.04 -0.72 -32.98
C GLY A 591 -9.33 -1.66 -34.13
N ARG A 592 -9.01 -2.94 -33.92
CA ARG A 592 -9.25 -3.98 -34.91
C ARG A 592 -10.75 -4.19 -35.13
N MET A 593 -11.52 -4.04 -34.06
CA MET A 593 -12.98 -4.19 -34.12
C MET A 593 -13.67 -3.02 -34.82
N TRP A 594 -13.28 -1.80 -34.49
CA TRP A 594 -13.88 -0.62 -35.13
C TRP A 594 -13.35 -0.40 -36.55
N ASP A 595 -12.37 -1.21 -36.95
CA ASP A 595 -11.88 -1.19 -38.31
C ASP A 595 -12.67 -2.17 -39.19
N GLU A 596 -13.56 -2.93 -38.56
CA GLU A 596 -14.39 -3.86 -39.32
C GLU A 596 -15.69 -3.21 -39.77
N GLY A 597 -15.64 -1.89 -39.97
CA GLY A 597 -16.77 -1.15 -40.50
C GLY A 597 -17.90 -0.94 -39.51
N GLY A 598 -19.11 -1.27 -39.94
CA GLY A 598 -20.30 -1.03 -39.14
C GLY A 598 -20.59 -2.08 -38.08
N LEU A 599 -19.94 -3.25 -38.19
CA LEU A 599 -20.22 -4.38 -37.32
C LEU A 599 -20.21 -4.08 -35.81
N TYR A 600 -19.20 -3.33 -35.36
CA TYR A 600 -19.11 -3.02 -33.94
C TYR A 600 -19.31 -1.52 -33.64
N LEU A 601 -19.90 -0.81 -34.60
CA LEU A 601 -20.08 0.64 -34.49
C LEU A 601 -20.93 1.05 -33.28
N HIS A 602 -21.76 0.13 -32.80
CA HIS A 602 -22.66 0.42 -31.70
C HIS A 602 -22.44 -0.55 -30.55
N PHE A 603 -21.21 -1.08 -30.45
CA PHE A 603 -20.87 -2.12 -29.48
C PHE A 603 -21.20 -1.74 -28.04
N PHE A 604 -21.04 -0.47 -27.69
CA PHE A 604 -21.28 -0.02 -26.33
C PHE A 604 -22.60 0.73 -26.16
N GLN A 605 -23.23 1.09 -27.27
CA GLN A 605 -24.45 1.90 -27.25
C GLN A 605 -25.56 1.29 -26.38
N GLY A 606 -25.64 -0.03 -26.37
CA GLY A 606 -26.69 -0.72 -25.63
C GLY A 606 -26.55 -0.69 -24.11
N LEU A 607 -25.44 -0.15 -23.62
CA LEU A 607 -25.24 -0.02 -22.17
C LEU A 607 -25.83 1.30 -21.67
N SER A 608 -27.13 1.31 -21.43
CA SER A 608 -27.82 2.52 -20.99
C SER A 608 -27.38 2.93 -19.60
N GLY A 609 -27.15 4.22 -19.41
CA GLY A 609 -26.75 4.73 -18.11
C GLY A 609 -25.27 4.61 -17.82
N LEU A 610 -24.52 4.00 -18.74
CA LEU A 610 -23.07 3.87 -18.60
C LEU A 610 -22.42 5.20 -18.23
N LEU A 611 -21.61 5.20 -17.18
CA LEU A 611 -20.99 6.43 -16.69
C LEU A 611 -19.49 6.42 -16.94
N LYS A 612 -18.87 5.25 -16.77
CA LYS A 612 -17.42 5.13 -16.86
C LYS A 612 -17.05 4.03 -17.83
N LEU A 613 -16.15 4.36 -18.76
CA LEU A 613 -15.72 3.39 -19.76
C LEU A 613 -14.21 3.48 -19.96
N ASP A 614 -13.55 2.32 -19.85
CA ASP A 614 -12.12 2.27 -20.03
C ASP A 614 -11.76 1.54 -21.32
N LEU A 615 -11.20 2.30 -22.27
CA LEU A 615 -10.76 1.75 -23.55
C LEU A 615 -9.24 1.88 -23.69
N SER A 616 -8.54 1.81 -22.56
CA SER A 616 -7.09 1.83 -22.56
C SER A 616 -6.53 0.65 -23.32
N GLN A 617 -5.35 0.84 -23.90
CA GLN A 617 -4.58 -0.25 -24.50
C GLN A 617 -5.38 -1.08 -25.49
N ASN A 618 -6.15 -0.41 -26.34
CA ASN A 618 -6.96 -1.09 -27.34
C ASN A 618 -6.45 -0.88 -28.76
N ASN A 619 -5.21 -0.40 -28.88
CA ASN A 619 -4.59 -0.15 -30.18
C ASN A 619 -5.42 0.75 -31.08
N LEU A 620 -6.04 1.76 -30.49
CA LEU A 620 -6.78 2.76 -31.25
C LEU A 620 -5.82 3.73 -31.94
N HIS A 621 -5.84 3.71 -33.28
CA HIS A 621 -5.05 4.63 -34.09
C HIS A 621 -5.91 5.79 -34.57
N ILE A 622 -7.22 5.55 -34.62
CA ILE A 622 -8.18 6.56 -35.03
C ILE A 622 -9.41 6.49 -34.11
N LEU A 623 -10.10 7.62 -33.98
CA LEU A 623 -11.32 7.68 -33.19
C LEU A 623 -12.31 8.59 -33.91
N ARG A 624 -13.03 8.01 -34.88
CA ARG A 624 -13.98 8.76 -35.71
C ARG A 624 -15.13 9.31 -34.88
N PRO A 625 -15.76 10.39 -35.36
CA PRO A 625 -16.93 10.95 -34.67
C PRO A 625 -18.11 9.99 -34.64
N GLN A 626 -18.23 9.08 -35.61
CA GLN A 626 -19.28 8.07 -35.60
C GLN A 626 -19.23 7.27 -34.30
N ASN A 627 -18.03 6.84 -33.94
CA ASN A 627 -17.82 5.95 -32.82
C ASN A 627 -18.04 6.61 -31.46
N LEU A 628 -17.67 7.89 -31.36
CA LEU A 628 -17.93 8.66 -30.14
C LEU A 628 -19.43 8.94 -30.00
N ASP A 629 -20.08 9.27 -31.11
CA ASP A 629 -21.50 9.59 -31.11
C ASP A 629 -22.33 8.38 -30.69
N ASN A 630 -21.84 7.18 -30.97
CA ASN A 630 -22.57 5.96 -30.63
C ASN A 630 -22.10 5.27 -29.36
N LEU A 631 -21.38 6.02 -28.52
CA LEU A 631 -21.15 5.61 -27.14
C LEU A 631 -22.32 6.16 -26.34
N PRO A 632 -22.68 5.52 -25.23
CA PRO A 632 -23.85 6.01 -24.47
C PRO A 632 -23.70 7.47 -24.03
N LYS A 633 -24.71 8.28 -24.31
CA LYS A 633 -24.67 9.72 -24.04
C LYS A 633 -24.59 10.05 -22.54
N SER A 634 -24.72 9.03 -21.70
CA SER A 634 -24.66 9.20 -20.26
C SER A 634 -23.21 9.26 -19.76
N LEU A 635 -22.31 8.75 -20.58
CA LEU A 635 -20.88 8.63 -20.26
C LEU A 635 -20.24 9.89 -19.66
N LYS A 636 -19.71 9.76 -18.45
CA LYS A 636 -19.07 10.89 -17.77
C LYS A 636 -17.56 10.74 -17.76
N LEU A 637 -17.08 9.50 -17.80
CA LEU A 637 -15.65 9.25 -17.80
C LEU A 637 -15.26 8.30 -18.92
N LEU A 638 -14.24 8.71 -19.68
CA LEU A 638 -13.74 7.92 -20.78
C LEU A 638 -12.22 7.88 -20.73
N SER A 639 -11.66 6.68 -20.65
CA SER A 639 -10.21 6.53 -20.68
C SER A 639 -9.75 5.96 -22.03
N LEU A 640 -8.88 6.71 -22.71
CA LEU A 640 -8.27 6.27 -23.95
C LEU A 640 -6.76 6.15 -23.75
N ARG A 641 -6.35 5.92 -22.51
CA ARG A 641 -4.94 5.85 -22.15
C ARG A 641 -4.18 4.78 -22.92
N ASP A 642 -2.94 5.07 -23.28
CA ASP A 642 -2.05 4.12 -23.95
C ASP A 642 -2.60 3.52 -25.23
N ASN A 643 -3.23 4.35 -26.05
CA ASN A 643 -3.55 3.97 -27.42
C ASN A 643 -2.62 4.74 -28.36
N TYR A 644 -2.83 4.61 -29.67
CA TYR A 644 -1.97 5.28 -30.64
C TYR A 644 -2.70 6.40 -31.37
N LEU A 645 -3.37 7.27 -30.64
CA LEU A 645 -4.06 8.39 -31.26
C LEU A 645 -3.06 9.50 -31.60
N SER A 646 -3.01 9.88 -32.87
CA SER A 646 -2.10 10.91 -33.34
C SER A 646 -2.86 12.18 -33.66
N PHE A 647 -4.10 12.02 -34.09
CA PHE A 647 -4.97 13.15 -34.43
C PHE A 647 -6.33 13.00 -33.76
N PHE A 648 -6.92 14.13 -33.35
CA PHE A 648 -8.18 14.12 -32.64
C PHE A 648 -8.85 15.50 -32.70
N ASN A 649 -9.96 15.58 -33.43
CA ASN A 649 -10.73 16.83 -33.46
C ASN A 649 -11.43 17.02 -32.13
N TRP A 650 -10.94 17.97 -31.34
CA TRP A 650 -11.42 18.16 -29.98
C TRP A 650 -12.85 18.68 -29.90
N THR A 651 -13.36 19.22 -31.00
CA THR A 651 -14.73 19.70 -31.04
C THR A 651 -15.68 18.50 -31.13
N SER A 652 -15.14 17.34 -31.52
CA SER A 652 -15.94 16.11 -31.55
C SER A 652 -16.43 15.73 -30.16
N LEU A 653 -15.80 16.30 -29.14
CA LEU A 653 -16.17 16.08 -27.74
C LEU A 653 -17.62 16.50 -27.46
N SER A 654 -18.19 17.31 -28.35
CA SER A 654 -19.57 17.73 -28.20
C SER A 654 -20.54 16.57 -28.43
N PHE A 655 -19.99 15.45 -28.92
CA PHE A 655 -20.75 14.22 -29.09
C PHE A 655 -20.83 13.45 -27.78
N LEU A 656 -20.07 13.92 -26.79
CA LEU A 656 -20.11 13.36 -25.45
C LEU A 656 -20.55 14.45 -24.48
N PRO A 657 -21.86 14.77 -24.48
CA PRO A 657 -22.44 15.92 -23.78
C PRO A 657 -22.16 15.94 -22.28
N ASN A 658 -22.18 14.79 -21.62
CA ASN A 658 -22.03 14.72 -20.16
C ASN A 658 -20.62 14.37 -19.69
N LEU A 659 -19.69 14.22 -20.64
CA LEU A 659 -18.30 13.90 -20.34
C LEU A 659 -17.66 14.91 -19.38
N GLU A 660 -17.02 14.39 -18.34
CA GLU A 660 -16.41 15.25 -17.31
C GLU A 660 -14.92 14.93 -17.18
N VAL A 661 -14.58 13.65 -17.36
CA VAL A 661 -13.19 13.21 -17.23
C VAL A 661 -12.74 12.49 -18.49
N LEU A 662 -11.65 12.97 -19.09
CA LEU A 662 -11.10 12.39 -20.31
C LEU A 662 -9.63 12.08 -20.15
N ASP A 663 -9.26 10.81 -20.32
CA ASP A 663 -7.88 10.39 -20.17
C ASP A 663 -7.30 9.94 -21.51
N LEU A 664 -6.36 10.74 -22.02
CA LEU A 664 -5.75 10.47 -23.33
C LEU A 664 -4.23 10.32 -23.25
N ALA A 665 -3.72 9.98 -22.07
CA ALA A 665 -2.29 9.83 -21.86
C ALA A 665 -1.71 8.61 -22.57
N GLY A 666 -0.44 8.69 -22.96
CA GLY A 666 0.22 7.58 -23.62
C GLY A 666 -0.19 7.42 -25.08
N ASN A 667 -0.73 8.49 -25.64
CA ASN A 667 -1.00 8.55 -27.06
C ASN A 667 0.07 9.39 -27.76
N GLN A 668 -0.07 9.60 -29.06
CA GLN A 668 0.87 10.45 -29.80
C GLN A 668 0.20 11.69 -30.38
N LEU A 669 -0.51 12.42 -29.53
CA LEU A 669 -1.04 13.74 -29.90
C LEU A 669 0.14 14.70 -29.93
N LYS A 670 0.68 14.97 -31.12
CA LYS A 670 1.85 15.82 -31.21
C LYS A 670 1.54 17.27 -30.91
N ALA A 671 0.26 17.62 -30.87
CA ALA A 671 -0.16 18.98 -30.57
C ALA A 671 -1.60 19.03 -30.10
N LEU A 672 -1.96 20.12 -29.45
CA LEU A 672 -3.35 20.41 -29.09
C LEU A 672 -3.81 21.48 -30.06
N THR A 673 -3.88 21.12 -31.34
CA THR A 673 -3.91 22.11 -32.41
C THR A 673 -5.15 22.06 -33.31
N GLN A 674 -5.86 20.95 -33.26
CA GLN A 674 -6.78 20.59 -34.33
C GLN A 674 -8.20 21.13 -34.15
N GLY A 675 -8.50 21.59 -32.95
CA GLY A 675 -9.80 22.17 -32.64
C GLY A 675 -9.66 22.88 -31.32
N THR A 676 -10.77 23.17 -30.67
CA THR A 676 -10.72 23.69 -29.32
C THR A 676 -11.68 22.85 -28.48
N LEU A 677 -11.53 22.94 -27.16
CA LEU A 677 -12.52 22.38 -26.25
C LEU A 677 -13.82 23.12 -26.51
N PRO A 678 -14.87 22.39 -26.91
CA PRO A 678 -16.10 23.02 -27.38
C PRO A 678 -16.98 23.59 -26.28
N ASN A 679 -17.72 24.66 -26.62
CA ASN A 679 -18.84 25.11 -25.82
C ASN A 679 -19.93 24.07 -26.00
N GLY A 680 -20.69 23.77 -24.96
CA GLY A 680 -20.37 24.19 -23.60
C GLY A 680 -20.12 22.94 -22.81
N THR A 681 -18.97 22.32 -23.07
CA THR A 681 -18.61 21.03 -22.47
C THR A 681 -18.57 21.10 -20.95
N LEU A 682 -18.80 19.95 -20.33
CA LEU A 682 -18.80 19.85 -18.87
C LEU A 682 -17.48 19.26 -18.38
N LEU A 683 -16.50 19.20 -19.29
CA LEU A 683 -15.19 18.62 -19.02
C LEU A 683 -14.54 19.21 -17.77
N GLN A 684 -14.11 18.35 -16.85
CA GLN A 684 -13.50 18.79 -15.60
C GLN A 684 -12.03 18.43 -15.54
N LYS A 685 -11.70 17.23 -16.03
CA LYS A 685 -10.33 16.76 -16.01
C LYS A 685 -9.88 16.31 -17.39
N LEU A 686 -8.80 16.93 -17.88
CA LEU A 686 -8.16 16.48 -19.10
C LEU A 686 -6.75 15.99 -18.80
N ASP A 687 -6.45 14.76 -19.17
CA ASP A 687 -5.11 14.23 -19.02
C ASP A 687 -4.52 13.90 -20.39
N VAL A 688 -3.58 14.74 -20.83
CA VAL A 688 -2.88 14.54 -22.09
C VAL A 688 -1.37 14.40 -21.86
N SER A 689 -1.01 13.71 -20.79
CA SER A 689 0.40 13.51 -20.48
C SER A 689 1.02 12.38 -21.31
N SER A 690 2.34 12.34 -21.34
CA SER A 690 3.10 11.35 -22.12
C SER A 690 2.68 11.21 -23.57
N ASN A 691 2.32 12.33 -24.20
CA ASN A 691 2.11 12.33 -25.63
C ASN A 691 3.40 12.79 -26.34
N SER A 692 3.30 13.87 -27.11
CA SER A 692 4.46 14.50 -27.71
C SER A 692 4.05 15.91 -28.13
N ILE A 693 3.19 16.50 -27.31
CA ILE A 693 2.69 17.86 -27.57
C ILE A 693 3.85 18.86 -27.63
N VAL A 694 3.97 19.55 -28.76
CA VAL A 694 5.04 20.52 -28.93
C VAL A 694 4.45 21.91 -29.14
N SER A 695 3.13 21.95 -29.26
CA SER A 695 2.43 23.22 -29.45
C SER A 695 0.95 23.07 -29.17
N VAL A 696 0.31 24.17 -28.78
CA VAL A 696 -1.14 24.20 -28.62
C VAL A 696 -1.71 25.52 -29.14
N VAL A 697 -2.88 25.45 -29.77
CA VAL A 697 -3.57 26.62 -30.31
C VAL A 697 -4.05 27.51 -29.16
N PRO A 698 -3.90 28.84 -29.30
CA PRO A 698 -4.43 29.79 -28.31
C PRO A 698 -5.93 29.59 -28.11
N ALA A 699 -6.42 29.90 -26.91
CA ALA A 699 -7.83 29.73 -26.56
C ALA A 699 -8.33 28.28 -26.61
N PHE A 700 -7.40 27.33 -26.66
CA PHE A 700 -7.76 25.91 -26.74
C PHE A 700 -8.64 25.48 -25.58
N PHE A 701 -8.20 25.82 -24.37
CA PHE A 701 -8.91 25.45 -23.15
C PHE A 701 -10.00 26.48 -22.80
N ALA A 702 -10.07 27.57 -23.55
CA ALA A 702 -10.89 28.72 -23.19
C ALA A 702 -12.37 28.45 -22.90
N LEU A 703 -12.98 27.55 -23.66
CA LEU A 703 -14.43 27.34 -23.57
C LEU A 703 -14.86 26.36 -22.48
N ALA A 704 -13.95 25.45 -22.09
CA ALA A 704 -14.26 24.51 -21.02
C ALA A 704 -14.48 25.24 -19.69
N VAL A 705 -15.71 25.69 -19.48
CA VAL A 705 -16.09 26.46 -18.30
C VAL A 705 -15.75 25.76 -16.99
N GLU A 706 -15.99 24.44 -16.95
CA GLU A 706 -15.84 23.68 -15.71
C GLU A 706 -14.48 23.00 -15.57
N LEU A 707 -13.56 23.32 -16.47
CA LEU A 707 -12.20 22.76 -16.43
C LEU A 707 -11.51 23.06 -15.10
N LYS A 708 -10.95 22.02 -14.48
CA LYS A 708 -10.32 22.16 -13.17
C LYS A 708 -8.93 21.53 -13.16
N GLU A 709 -8.81 20.34 -13.73
CA GLU A 709 -7.52 19.67 -13.81
C GLU A 709 -7.10 19.46 -15.26
N VAL A 710 -5.83 19.79 -15.55
CA VAL A 710 -5.25 19.52 -16.86
C VAL A 710 -3.79 19.12 -16.71
N ASN A 711 -3.46 17.93 -17.23
CA ASN A 711 -2.12 17.39 -17.08
C ASN A 711 -1.35 17.43 -18.40
N LEU A 712 -0.40 18.35 -18.48
CA LEU A 712 0.41 18.56 -19.67
C LEU A 712 1.80 17.98 -19.51
N SER A 713 2.01 17.25 -18.42
CA SER A 713 3.34 16.73 -18.09
C SER A 713 3.85 15.73 -19.10
N HIS A 714 5.14 15.45 -19.04
CA HIS A 714 5.81 14.48 -19.91
C HIS A 714 5.52 14.66 -21.40
N ASN A 715 5.35 15.91 -21.80
CA ASN A 715 5.23 16.25 -23.21
C ASN A 715 6.50 16.97 -23.67
N ILE A 716 6.44 17.63 -24.82
CA ILE A 716 7.62 18.29 -25.36
C ILE A 716 7.39 19.79 -25.50
N LEU A 717 6.72 20.37 -24.51
CA LEU A 717 6.46 21.80 -24.52
C LEU A 717 7.73 22.62 -24.27
N LYS A 718 7.97 23.60 -25.14
CA LYS A 718 9.13 24.46 -25.01
C LYS A 718 8.81 25.64 -24.10
N THR A 719 7.50 25.83 -23.88
CA THR A 719 7.02 26.83 -22.95
C THR A 719 5.63 26.43 -22.48
N VAL A 720 5.03 27.26 -21.63
CA VAL A 720 3.61 27.14 -21.34
C VAL A 720 3.02 28.56 -21.38
N ASP A 721 2.17 28.81 -22.37
CA ASP A 721 1.66 30.15 -22.64
C ASP A 721 0.26 30.31 -22.06
N ARG A 722 -0.04 31.51 -21.59
CA ARG A 722 -1.32 31.83 -21.00
C ARG A 722 -2.38 32.05 -22.08
N SER A 723 -1.94 32.29 -23.31
CA SER A 723 -2.86 32.43 -24.44
C SER A 723 -3.67 31.15 -24.66
N TRP A 724 -3.20 30.05 -24.09
CA TRP A 724 -3.88 28.76 -24.20
C TRP A 724 -5.16 28.72 -23.37
N PHE A 725 -5.04 29.16 -22.11
CA PHE A 725 -6.14 29.03 -21.15
C PHE A 725 -7.04 30.25 -21.13
N GLY A 726 -6.46 31.44 -21.20
CA GLY A 726 -7.20 32.65 -20.97
C GLY A 726 -7.44 32.85 -19.48
N PRO A 727 -8.69 33.11 -19.10
CA PRO A 727 -9.09 33.39 -17.71
C PRO A 727 -9.23 32.14 -16.84
N ILE A 728 -9.57 31.02 -17.46
CA ILE A 728 -9.77 29.75 -16.72
C ILE A 728 -8.49 29.20 -16.10
N VAL A 729 -7.36 29.86 -16.35
CA VAL A 729 -6.10 29.43 -15.75
C VAL A 729 -6.14 29.67 -14.23
N MET A 730 -7.07 30.52 -13.80
CA MET A 730 -7.17 30.92 -12.40
C MET A 730 -8.22 30.12 -11.63
N GLN A 731 -8.95 29.27 -12.34
CA GLN A 731 -9.91 28.37 -11.71
C GLN A 731 -9.34 26.95 -11.67
N LEU A 732 -8.25 26.75 -12.40
CA LEU A 732 -7.55 25.47 -12.43
C LEU A 732 -7.05 25.08 -11.04
N THR A 733 -7.45 23.90 -10.58
CA THR A 733 -6.97 23.38 -9.31
C THR A 733 -5.62 22.70 -9.48
N VAL A 734 -5.43 22.05 -10.62
CA VAL A 734 -4.14 21.45 -10.94
C VAL A 734 -3.71 21.65 -12.40
N LEU A 735 -2.50 22.17 -12.58
CA LEU A 735 -1.89 22.32 -13.89
C LEU A 735 -0.49 21.71 -13.83
N ASP A 736 -0.36 20.49 -14.35
CA ASP A 736 0.87 19.74 -14.24
C ASP A 736 1.71 19.86 -15.51
N VAL A 737 2.87 20.52 -15.42
CA VAL A 737 3.73 20.73 -16.58
C VAL A 737 5.15 20.14 -16.40
N ARG A 738 5.31 19.21 -15.46
CA ARG A 738 6.63 18.60 -15.23
C ARG A 738 7.11 17.79 -16.43
N SER A 739 8.40 17.47 -16.44
CA SER A 739 9.02 16.67 -17.51
C SER A 739 8.69 17.18 -18.91
N ASN A 740 8.62 18.50 -19.05
CA ASN A 740 8.65 19.11 -20.37
C ASN A 740 10.03 19.73 -20.55
N PRO A 741 10.62 19.61 -21.75
CA PRO A 741 11.90 20.28 -21.99
C PRO A 741 11.74 21.79 -22.20
N LEU A 742 11.40 22.53 -21.15
CA LEU A 742 11.21 23.97 -21.25
C LEU A 742 12.50 24.66 -21.64
N HIS A 743 12.40 25.71 -22.45
CA HIS A 743 13.58 26.49 -22.80
C HIS A 743 13.71 27.65 -21.83
N CYS A 744 14.76 27.63 -21.00
CA CYS A 744 14.95 28.64 -20.00
C CYS A 744 15.96 29.72 -20.42
N ALA A 745 15.57 30.49 -21.44
CA ALA A 745 16.26 31.73 -21.77
C ALA A 745 15.91 32.75 -20.70
N CYS A 746 16.67 33.83 -20.64
CA CYS A 746 16.55 34.82 -19.55
C CYS A 746 15.26 35.64 -19.62
N GLY A 747 14.50 35.50 -20.71
CA GLY A 747 13.30 36.29 -20.84
C GLY A 747 12.02 35.49 -20.74
N ALA A 748 12.14 34.17 -20.70
CA ALA A 748 11.01 33.24 -20.76
C ALA A 748 9.77 33.65 -19.95
N ALA A 749 8.63 33.74 -20.63
CA ALA A 749 7.40 34.20 -20.00
C ALA A 749 6.70 33.14 -19.16
N PHE A 750 7.06 31.87 -19.33
CA PHE A 750 6.37 30.81 -18.57
C PHE A 750 6.56 30.95 -17.05
N VAL A 751 7.68 31.55 -16.64
CA VAL A 751 8.00 31.66 -15.22
C VAL A 751 6.95 32.47 -14.46
N ASP A 752 6.65 33.68 -14.93
CA ASP A 752 5.65 34.53 -14.28
C ASP A 752 4.26 33.89 -14.26
N LEU A 753 3.94 33.16 -15.32
CA LEU A 753 2.67 32.46 -15.41
C LEU A 753 2.55 31.36 -14.36
N LEU A 754 3.57 30.52 -14.29
CA LEU A 754 3.59 29.43 -13.32
C LEU A 754 3.57 29.98 -11.88
N LEU A 755 4.26 31.09 -11.68
CA LEU A 755 4.30 31.76 -10.38
C LEU A 755 2.93 32.37 -10.02
N GLU A 756 2.10 32.58 -11.04
CA GLU A 756 0.76 33.11 -10.80
C GLU A 756 -0.19 32.03 -10.31
N VAL A 757 0.07 30.79 -10.72
CA VAL A 757 -0.76 29.66 -10.34
C VAL A 757 0.05 28.61 -9.58
N GLN A 758 1.04 29.08 -8.83
CA GLN A 758 2.03 28.23 -8.15
C GLN A 758 1.44 27.21 -7.17
N THR A 759 0.39 27.60 -6.46
CA THR A 759 -0.28 26.68 -5.53
C THR A 759 -0.92 25.51 -6.26
N LYS A 760 -1.12 25.66 -7.57
CA LYS A 760 -1.88 24.71 -8.36
C LYS A 760 -1.03 23.89 -9.33
N VAL A 761 0.27 24.14 -9.34
CA VAL A 761 1.19 23.32 -10.13
C VAL A 761 2.09 22.48 -9.23
N PRO A 762 1.93 21.15 -9.30
CA PRO A 762 2.69 20.22 -8.45
C PRO A 762 4.17 20.20 -8.77
N GLY A 763 5.02 20.25 -7.76
CA GLY A 763 6.45 20.14 -7.94
C GLY A 763 7.09 21.32 -8.65
N LEU A 764 6.46 22.49 -8.56
CA LEU A 764 6.97 23.68 -9.23
C LEU A 764 8.34 24.07 -8.70
N ALA A 765 8.50 23.99 -7.39
CA ALA A 765 9.70 24.46 -6.70
C ALA A 765 11.00 23.88 -7.27
N ASN A 766 11.02 22.57 -7.52
CA ASN A 766 12.22 21.92 -8.05
C ASN A 766 11.96 20.90 -9.16
N GLY A 767 10.75 20.36 -9.23
CA GLY A 767 10.43 19.34 -10.21
C GLY A 767 10.12 19.82 -11.62
N VAL A 768 9.82 21.10 -11.78
CA VAL A 768 9.59 21.68 -13.11
C VAL A 768 10.93 22.19 -13.67
N LYS A 769 11.44 21.52 -14.69
CA LYS A 769 12.83 21.69 -15.12
C LYS A 769 13.03 22.13 -16.57
N CYS A 770 14.22 22.65 -16.85
CA CYS A 770 14.54 23.15 -18.20
C CYS A 770 15.12 22.03 -19.07
N GLY A 771 14.80 22.08 -20.37
CA GLY A 771 15.37 21.20 -21.37
C GLY A 771 16.50 21.87 -22.14
N SER A 772 16.49 23.20 -22.11
CA SER A 772 17.54 24.01 -22.71
C SER A 772 17.53 25.37 -22.01
N PRO A 773 18.65 26.11 -22.06
CA PRO A 773 19.94 25.85 -22.73
C PRO A 773 20.78 24.77 -22.02
N GLY A 774 21.90 24.43 -22.63
CA GLY A 774 22.66 23.25 -22.25
C GLY A 774 23.11 23.06 -20.81
N GLN A 775 23.40 24.14 -20.11
CA GLN A 775 23.86 24.04 -18.73
C GLN A 775 22.66 24.00 -17.78
N LEU A 776 21.48 24.32 -18.29
CA LEU A 776 20.27 24.25 -17.49
C LEU A 776 19.51 22.96 -17.79
N GLN A 777 20.01 22.21 -18.78
CA GLN A 777 19.37 20.98 -19.19
C GLN A 777 19.34 19.96 -18.06
N GLY A 778 18.15 19.67 -17.55
CA GLY A 778 17.99 18.71 -16.47
C GLY A 778 17.93 19.35 -15.10
N ARG A 779 17.91 20.69 -15.06
CA ARG A 779 17.89 21.42 -13.79
C ARG A 779 16.71 22.38 -13.74
N SER A 780 16.26 22.73 -12.54
CA SER A 780 15.02 23.51 -12.38
C SER A 780 15.04 24.89 -13.01
N ILE A 781 13.86 25.42 -13.29
CA ILE A 781 13.69 26.74 -13.89
C ILE A 781 14.02 27.84 -12.88
N PHE A 782 14.41 27.42 -11.69
CA PHE A 782 14.79 28.36 -10.63
C PHE A 782 16.28 28.23 -10.26
N ALA A 783 16.97 27.28 -10.91
CA ALA A 783 18.42 27.12 -10.72
C ALA A 783 19.11 28.45 -10.99
N GLN A 784 18.82 29.01 -12.16
CA GLN A 784 19.11 30.41 -12.42
C GLN A 784 17.80 31.19 -12.35
N ASP A 785 17.87 32.45 -11.91
CA ASP A 785 16.72 33.33 -11.96
C ASP A 785 16.50 33.80 -13.40
N LEU A 786 15.37 33.43 -13.97
CA LEU A 786 15.07 33.78 -15.35
C LEU A 786 14.29 35.09 -15.44
N ARG A 787 14.12 35.76 -14.30
CA ARG A 787 13.40 37.02 -14.28
C ARG A 787 14.36 38.19 -14.46
N LEU A 788 15.66 37.89 -14.46
CA LEU A 788 16.71 38.89 -14.57
C LEU A 788 16.74 39.61 -15.93
N CYS A 789 16.49 38.86 -17.00
CA CYS A 789 16.48 39.46 -18.34
C CYS A 789 15.06 39.82 -18.78
C1 NAG C . 0.24 13.86 -14.56
C2 NAG C . 0.02 13.43 -13.12
C3 NAG C . 1.15 12.56 -12.57
C4 NAG C . 1.63 11.53 -13.58
C5 NAG C . 1.81 12.14 -14.96
C6 NAG C . 2.18 11.08 -15.99
C7 NAG C . -1.17 14.74 -11.44
C8 NAG C . -1.24 16.02 -10.67
N2 NAG C . -0.14 14.60 -12.27
O3 NAG C . 0.69 11.89 -11.42
O4 NAG C . 2.87 11.02 -13.14
O5 NAG C . 0.61 12.77 -15.37
O6 NAG C . 3.26 10.31 -15.52
O7 NAG C . -2.03 13.87 -11.29
#